data_4XNH
#
_entry.id   4XNH
#
_cell.length_a   84.475
_cell.length_b   114.515
_cell.length_c   146.978
_cell.angle_alpha   90.00
_cell.angle_beta   90.00
_cell.angle_gamma   90.00
#
_symmetry.space_group_name_H-M   'P 21 21 21'
#
loop_
_entity.id
_entity.type
_entity.pdbx_description
1 polymer 'N-terminal acetyltransferase A complex subunit NAT1'
2 polymer 'N-terminal acetyltransferase A complex catalytic subunit ARD1'
3 polymer 'N-terminal acetyltransferase A complex subunit NAT5'
4 polymer ACYH8
5 non-polymer 'INOSITOL HEXAKISPHOSPHATE'
6 non-polymer 'ACETYL COENZYME *A'
7 non-polymer 'CARBOXYMETHYL COENZYME *A'
8 water water
#
loop_
_entity_poly.entity_id
_entity_poly.type
_entity_poly.pdbx_seq_one_letter_code
_entity_poly.pdbx_strand_id
1 'polypeptide(L)'
;MSRKRSTKPKPAAKIALKKENDQFLEALKLYEGKQYKKSLKLLDAILKKDGSHVDSLALKGLDLYSVGEKDDAASYVANA
IRKIEGASASPICCHVLGIYMRNTKEYKESIKWFTAALNNGSTNKQIYRDLATLQSQIGDFKNALVSRKKYWEAFLGYRA
NWTSLAVAQDVNGERQQAINTLSQFEKLAEGKISDSEKYEHSECLMYKNDIMYKAASDNQDKLQNVLKHLNDIEPCVFDK
FGLLERKATIYMKLGQLKDASIVYRTLIKRNPDNFKYYKLLEVSLGIQGDNKLKKALYGKLEQFYPRCEPPKFIPLTFLQ
DKEELSKKLREYVLPQLERGVPATFSNVKPLYQRRKSKVSPLLEKIVLDYLSGLDPTQDPIPFIWTNYYLSQHFLFLKDF
PKAQEYIDAALDHTPTLVEFYILKARILKHLGLMDTAAGILEEGRQLDLQDRFINCKTVKYFLRANNIDKAVEVASLFTK
NDDSVNGIKDLHLVEASWFIVEQAEAYYRLYLDRKKKLDDLASLKKEVESDKSEQIANDIKENQWLVRKYKGLALKRFNA
IPKFYKQFEDDQLDFHSYCMRKGTPRAYLEMLEWGKALYTKPMYVRAMKEASKLYFQMHDDRLKRKSDSLDENSDEIQNN
GQNSSSQKKKAKKEAAAMNKRKETEAKSVAAYPSDQDNDVFGEKLIETSTPMEDFATEFYNNYSMQVREDERDYILDFEF
NYRIGKLALCFASLNKFAKRFGTTSGLFGSMAIVLLHATRNDTPFDPILKKVVTKSLEKEYSENFPLNEISNNSFDWLNF
YQEKFGKNDINGLLFLYRYRDDVPIGSSNLKEMIISSLSPLEPHSQNEILQYYL
;
A
2 'polypeptide(L)'
;MPINIRRATINDIICMQNANLHNLPENYMMKYYMYHILSWPEASFVATTTTLDCEDSDEQDENDKLELTLDGTNDGRTIK
LDPTYLAPGEKLVGYVLVKMNDDPDQQNEPPNGHITSLSVMRTYRRMGIAENLMRQALFALREVHQAEYVSLHVRQSNRA
ALHLYRDTLAFEVLSIEKSYYQDGEDAYAMKKVLKLEELQISNFTHRRLKENEEKLEDDLESDLLEDIIKQGVNDIIV
;
B
3 'polypeptide(L)'
;MGRDICTLDNVYANNLGMLTKLAHVTVPNLYQDAFFSALFAEDSLVAKNKKPSSKKDVHFTQMAYYSEIPVGGLVAKLVP
KKQNELSLKGIQIEFLGVLPNYRHKSIGSKLLKFAEDKCSECHQHNVFVYLPAVDDLTKQWFIAHGFEQVGETVNNFIKG
VNGDEQDAILLKKHIS
;
C
4 'polypeptide(L)' SYSMEHFR F
#
# COMPACT_ATOMS: atom_id res chain seq x y z
N GLN A 23 -38.91 -35.49 12.38
CA GLN A 23 -39.41 -34.15 12.69
C GLN A 23 -38.53 -33.06 12.02
N PHE A 24 -39.18 -32.01 11.54
CA PHE A 24 -38.50 -30.85 10.97
C PHE A 24 -37.59 -30.12 11.99
N LEU A 25 -38.02 -30.10 13.25
CA LEU A 25 -37.17 -29.66 14.38
C LEU A 25 -35.89 -30.51 14.54
N GLU A 26 -35.84 -31.68 13.95
CA GLU A 26 -34.64 -32.48 14.05
C GLU A 26 -33.62 -31.95 13.06
N ALA A 27 -34.12 -31.38 11.96
CA ALA A 27 -33.27 -30.83 10.90
C ALA A 27 -32.74 -29.42 11.24
N LEU A 28 -33.48 -28.67 12.06
CA LEU A 28 -33.06 -27.33 12.50
C LEU A 28 -31.87 -27.40 13.47
N LYS A 29 -31.96 -28.28 14.45
CA LYS A 29 -30.86 -28.51 15.37
C LYS A 29 -29.69 -29.11 14.63
N LEU A 30 -30.04 -29.89 13.60
CA LEU A 30 -29.05 -30.56 12.76
C LEU A 30 -28.47 -29.63 11.68
N TYR A 31 -29.01 -28.40 11.61
CA TYR A 31 -28.36 -27.33 10.83
C TYR A 31 -27.54 -26.47 11.79
N GLU A 32 -28.09 -26.23 12.98
CA GLU A 32 -27.40 -25.48 14.02
C GLU A 32 -26.10 -26.22 14.34
N GLY A 33 -26.19 -27.54 14.51
CA GLY A 33 -25.03 -28.39 14.45
C GLY A 33 -24.77 -28.59 12.98
N LYS A 34 -23.49 -28.61 12.58
CA LYS A 34 -23.06 -28.51 11.16
C LYS A 34 -23.25 -29.79 10.31
N GLN A 35 -24.01 -30.73 10.84
CA GLN A 35 -24.42 -31.91 10.08
C GLN A 35 -25.41 -31.51 8.97
N TYR A 36 -24.86 -30.89 7.94
CA TYR A 36 -25.66 -30.37 6.83
C TYR A 36 -26.21 -31.49 5.92
N LYS A 37 -25.39 -32.52 5.66
CA LYS A 37 -25.91 -33.66 4.92
C LYS A 37 -26.98 -34.31 5.80
N LYS A 38 -26.63 -34.50 7.06
CA LYS A 38 -27.52 -35.16 8.01
C LYS A 38 -28.93 -34.53 8.04
N SER A 39 -28.96 -33.19 8.10
CA SER A 39 -30.22 -32.45 8.09
C SER A 39 -30.97 -32.67 6.77
N LEU A 40 -30.20 -32.94 5.72
CA LEU A 40 -30.74 -33.01 4.36
C LEU A 40 -31.51 -34.33 4.13
N LYS A 41 -30.96 -35.46 4.55
CA LYS A 41 -31.69 -36.71 4.43
C LYS A 41 -33.08 -36.51 5.02
N LEU A 42 -33.09 -35.97 6.24
CA LEU A 42 -34.33 -35.74 6.99
C LEU A 42 -35.31 -34.92 6.14
N LEU A 43 -34.88 -33.75 5.65
CA LEU A 43 -35.78 -32.81 4.93
C LEU A 43 -36.29 -33.32 3.57
N ASP A 44 -35.55 -34.23 2.95
CA ASP A 44 -35.99 -34.82 1.69
C ASP A 44 -37.14 -35.84 1.97
N ALA A 45 -37.03 -36.58 3.07
CA ALA A 45 -38.09 -37.53 3.46
C ALA A 45 -39.42 -36.80 3.72
N ILE A 46 -39.34 -35.65 4.40
CA ILE A 46 -40.52 -34.86 4.74
C ILE A 46 -41.26 -34.38 3.49
N LEU A 47 -40.50 -33.94 2.49
CA LEU A 47 -41.06 -33.32 1.29
C LEU A 47 -41.51 -34.33 0.26
N LYS A 48 -41.02 -35.56 0.38
CA LYS A 48 -41.53 -36.68 -0.42
C LYS A 48 -43.02 -36.88 -0.08
N LYS A 49 -43.37 -36.75 1.21
CA LYS A 49 -44.77 -36.73 1.64
C LYS A 49 -45.45 -35.38 1.34
N ASP A 50 -44.77 -34.28 1.71
CA ASP A 50 -45.32 -32.92 1.54
C ASP A 50 -44.32 -31.93 0.91
N GLY A 51 -44.31 -31.87 -0.43
CA GLY A 51 -43.42 -31.00 -1.18
C GLY A 51 -43.81 -29.53 -1.18
N SER A 52 -44.89 -29.21 -0.49
CA SER A 52 -45.34 -27.82 -0.33
C SER A 52 -45.24 -27.35 1.13
N HIS A 53 -44.43 -28.09 1.89
CA HIS A 53 -44.12 -27.73 3.27
C HIS A 53 -43.11 -26.55 3.35
N VAL A 54 -43.63 -25.34 3.64
CA VAL A 54 -42.85 -24.11 3.59
C VAL A 54 -41.58 -24.18 4.48
N ASP A 55 -41.74 -24.55 5.75
CA ASP A 55 -40.61 -24.72 6.65
C ASP A 55 -39.51 -25.60 6.04
N SER A 56 -39.92 -26.74 5.52
CA SER A 56 -38.99 -27.77 5.05
C SER A 56 -38.11 -27.30 3.86
N LEU A 57 -38.76 -26.68 2.88
CA LEU A 57 -38.13 -26.08 1.70
C LEU A 57 -37.11 -24.98 2.08
N ALA A 58 -37.54 -24.04 2.92
CA ALA A 58 -36.66 -22.98 3.45
C ALA A 58 -35.36 -23.49 4.12
N LEU A 59 -35.44 -24.42 5.05
CA LEU A 59 -34.20 -24.89 5.70
C LEU A 59 -33.41 -25.77 4.74
N LYS A 60 -34.05 -26.22 3.65
CA LYS A 60 -33.27 -26.99 2.69
C LYS A 60 -32.23 -26.06 2.11
N GLY A 61 -32.71 -24.91 1.62
CA GLY A 61 -31.88 -23.83 1.13
C GLY A 61 -30.64 -23.56 1.95
N LEU A 62 -30.81 -23.38 3.27
CA LEU A 62 -29.69 -22.95 4.11
C LEU A 62 -28.64 -24.02 4.35
N ASP A 63 -29.04 -25.28 4.31
CA ASP A 63 -28.05 -26.36 4.41
C ASP A 63 -27.32 -26.42 3.08
N LEU A 64 -28.10 -26.44 2.00
CA LEU A 64 -27.54 -26.47 0.65
C LEU A 64 -26.58 -25.29 0.44
N TYR A 65 -26.92 -24.10 0.97
CA TYR A 65 -26.00 -22.95 0.89
C TYR A 65 -24.71 -23.19 1.66
N SER A 66 -24.84 -23.73 2.85
CA SER A 66 -23.67 -23.90 3.70
C SER A 66 -22.72 -24.96 3.11
N VAL A 67 -23.21 -25.73 2.13
CA VAL A 67 -22.37 -26.69 1.40
C VAL A 67 -22.07 -26.20 -0.03
N GLY A 68 -21.86 -24.91 -0.17
CA GLY A 68 -21.46 -24.33 -1.44
C GLY A 68 -22.46 -24.48 -2.56
N GLU A 69 -23.51 -25.27 -2.39
CA GLU A 69 -24.45 -25.53 -3.47
C GLU A 69 -25.44 -24.39 -3.63
N LYS A 70 -24.92 -23.26 -4.13
CA LYS A 70 -25.62 -21.99 -4.09
C LYS A 70 -26.85 -21.94 -4.97
N ASP A 71 -26.79 -22.60 -6.11
CA ASP A 71 -27.86 -22.49 -7.12
C ASP A 71 -29.13 -23.16 -6.63
N ASP A 72 -28.96 -24.31 -6.01
CA ASP A 72 -30.10 -25.10 -5.62
C ASP A 72 -30.78 -24.38 -4.46
N ALA A 73 -29.95 -24.01 -3.48
CA ALA A 73 -30.36 -23.21 -2.31
C ALA A 73 -31.27 -22.09 -2.77
N ALA A 74 -30.84 -21.34 -3.79
CA ALA A 74 -31.66 -20.25 -4.31
C ALA A 74 -33.03 -20.73 -4.81
N SER A 75 -33.08 -21.90 -5.44
CA SER A 75 -34.34 -22.41 -6.00
C SER A 75 -35.28 -22.92 -4.90
N TYR A 76 -34.73 -23.57 -3.87
CA TYR A 76 -35.53 -24.03 -2.74
C TYR A 76 -36.08 -22.88 -1.87
N VAL A 77 -35.27 -21.85 -1.69
CA VAL A 77 -35.70 -20.69 -0.95
C VAL A 77 -36.87 -20.06 -1.70
N ALA A 78 -36.70 -19.83 -3.01
CA ALA A 78 -37.67 -19.05 -3.78
C ALA A 78 -38.99 -19.81 -4.01
N ASN A 79 -38.93 -21.13 -3.93
CA ASN A 79 -40.15 -21.93 -3.95
C ASN A 79 -40.95 -21.71 -2.65
N ALA A 80 -40.26 -21.75 -1.52
CA ALA A 80 -40.88 -21.49 -0.22
C ALA A 80 -41.49 -20.09 -0.19
N ILE A 81 -40.82 -19.11 -0.76
CA ILE A 81 -41.37 -17.75 -0.82
C ILE A 81 -42.67 -17.69 -1.63
N ARG A 82 -42.74 -18.45 -2.73
CA ARG A 82 -43.99 -18.55 -3.51
C ARG A 82 -45.16 -19.15 -2.69
N LYS A 83 -44.94 -20.35 -2.14
CA LYS A 83 -45.89 -21.03 -1.24
C LYS A 83 -46.50 -20.10 -0.16
N ILE A 84 -45.68 -19.20 0.34
CA ILE A 84 -46.13 -18.11 1.19
C ILE A 84 -46.90 -17.07 0.35
N ALA A 89 -45.72 -17.01 7.24
CA ALA A 89 -45.14 -18.34 7.48
C ALA A 89 -44.78 -18.54 8.93
N SER A 90 -44.28 -19.73 9.25
CA SER A 90 -43.79 -20.09 10.60
C SER A 90 -42.80 -19.05 11.15
N PRO A 91 -42.54 -19.05 12.49
CA PRO A 91 -41.53 -18.14 13.05
C PRO A 91 -40.12 -18.68 12.88
N ILE A 92 -40.03 -19.99 12.97
CA ILE A 92 -38.76 -20.64 12.77
C ILE A 92 -38.35 -20.49 11.30
N CYS A 93 -39.33 -20.59 10.41
CA CYS A 93 -39.08 -20.47 8.99
C CYS A 93 -38.50 -19.10 8.76
N CYS A 94 -39.20 -18.09 9.25
CA CYS A 94 -38.85 -16.68 9.11
C CYS A 94 -37.37 -16.42 9.52
N HIS A 95 -36.92 -17.11 10.56
CA HIS A 95 -35.59 -16.93 11.08
C HIS A 95 -34.57 -17.57 10.15
N VAL A 96 -34.92 -18.76 9.64
CA VAL A 96 -34.05 -19.50 8.73
C VAL A 96 -33.82 -18.65 7.49
N LEU A 97 -34.92 -18.18 6.92
CA LEU A 97 -34.85 -17.29 5.80
C LEU A 97 -34.09 -16.00 6.14
N GLY A 98 -34.14 -15.55 7.39
CA GLY A 98 -33.44 -14.33 7.76
C GLY A 98 -31.95 -14.51 7.67
N ILE A 99 -31.48 -15.68 8.14
CA ILE A 99 -30.10 -16.06 8.11
C ILE A 99 -29.64 -16.27 6.67
N TYR A 100 -30.42 -17.01 5.87
CA TYR A 100 -30.05 -17.26 4.47
C TYR A 100 -29.82 -15.93 3.76
N MET A 101 -30.76 -15.02 3.89
CA MET A 101 -30.66 -13.73 3.23
C MET A 101 -29.46 -12.89 3.73
N ARG A 102 -29.19 -12.94 5.04
CA ARG A 102 -28.03 -12.25 5.56
C ARG A 102 -26.79 -12.84 4.86
N ASN A 103 -26.78 -14.16 4.69
CA ASN A 103 -25.60 -14.82 4.13
C ASN A 103 -25.36 -14.45 2.65
N THR A 104 -26.44 -14.20 1.94
CA THR A 104 -26.35 -13.84 0.53
C THR A 104 -26.41 -12.34 0.36
N LYS A 105 -26.23 -11.62 1.46
CA LYS A 105 -26.11 -10.17 1.45
C LYS A 105 -27.34 -9.42 1.04
N GLU A 106 -28.49 -10.07 1.10
CA GLU A 106 -29.77 -9.37 0.98
C GLU A 106 -30.23 -8.81 2.33
N TYR A 107 -29.51 -7.83 2.83
CA TYR A 107 -29.75 -7.28 4.16
C TYR A 107 -31.19 -6.78 4.37
N LYS A 108 -31.77 -6.11 3.38
CA LYS A 108 -33.14 -5.60 3.51
C LYS A 108 -34.14 -6.74 3.55
N GLU A 109 -33.94 -7.78 2.74
CA GLU A 109 -34.78 -8.96 2.83
C GLU A 109 -34.58 -9.69 4.16
N SER A 110 -33.36 -9.71 4.67
CA SER A 110 -33.11 -10.39 5.93
C SER A 110 -33.94 -9.72 7.05
N ILE A 111 -33.94 -8.40 7.00
CA ILE A 111 -34.70 -7.60 7.94
C ILE A 111 -36.19 -7.95 7.85
N LYS A 112 -36.73 -8.07 6.63
CA LYS A 112 -38.11 -8.48 6.43
C LYS A 112 -38.40 -9.82 7.07
N TRP A 113 -37.58 -10.83 6.78
CA TRP A 113 -37.77 -12.11 7.44
C TRP A 113 -37.50 -12.16 8.96
N PHE A 114 -36.56 -11.39 9.47
CA PHE A 114 -36.35 -11.45 10.92
C PHE A 114 -37.53 -10.79 11.59
N THR A 115 -38.03 -9.72 11.00
CA THR A 115 -39.20 -9.01 11.55
C THR A 115 -40.45 -9.89 11.54
N ALA A 116 -40.70 -10.56 10.42
CA ALA A 116 -41.81 -11.48 10.31
C ALA A 116 -41.68 -12.55 11.37
N ALA A 117 -40.47 -13.02 11.64
CA ALA A 117 -40.32 -13.98 12.75
C ALA A 117 -40.89 -13.46 14.08
N LEU A 118 -40.74 -12.16 14.33
CA LEU A 118 -41.23 -11.57 15.58
C LEU A 118 -42.74 -11.42 15.53
N ASN A 119 -43.22 -10.77 14.46
CA ASN A 119 -44.65 -10.53 14.23
C ASN A 119 -45.49 -11.80 14.08
N ASN A 120 -44.82 -12.94 13.87
CA ASN A 120 -45.46 -14.24 13.81
C ASN A 120 -45.18 -15.02 15.06
N GLY A 121 -44.74 -14.33 16.12
CA GLY A 121 -44.73 -14.93 17.44
C GLY A 121 -43.47 -15.54 17.97
N SER A 122 -42.30 -15.21 17.41
CA SER A 122 -41.06 -15.72 17.99
C SER A 122 -40.85 -15.12 19.37
N THR A 123 -40.21 -15.89 20.25
CA THR A 123 -39.84 -15.46 21.59
C THR A 123 -38.34 -15.28 21.68
N ASN A 124 -37.64 -15.41 20.55
CA ASN A 124 -36.19 -15.30 20.57
C ASN A 124 -35.74 -13.84 20.59
N LYS A 125 -35.34 -13.38 21.76
CA LYS A 125 -34.99 -11.96 21.89
C LYS A 125 -33.69 -11.63 21.18
N GLN A 126 -32.87 -12.64 20.82
CA GLN A 126 -31.67 -12.38 20.05
C GLN A 126 -31.95 -11.72 18.69
N ILE A 127 -33.16 -11.89 18.19
CA ILE A 127 -33.52 -11.35 16.88
C ILE A 127 -33.34 -9.86 16.86
N TYR A 128 -33.62 -9.20 17.98
CA TYR A 128 -33.42 -7.76 18.07
C TYR A 128 -31.95 -7.36 17.87
N ARG A 129 -31.01 -8.11 18.43
CA ARG A 129 -29.58 -7.89 18.17
C ARG A 129 -29.22 -8.05 16.67
N ASP A 130 -29.74 -9.11 16.04
CA ASP A 130 -29.50 -9.34 14.62
C ASP A 130 -30.10 -8.21 13.79
N LEU A 131 -31.26 -7.73 14.19
CA LEU A 131 -31.89 -6.65 13.43
C LEU A 131 -31.03 -5.40 13.57
N ALA A 132 -30.56 -5.10 14.77
CA ALA A 132 -29.73 -3.90 14.94
C ALA A 132 -28.49 -3.92 14.02
N THR A 133 -27.91 -5.10 13.87
CA THR A 133 -26.72 -5.31 13.03
C THR A 133 -27.08 -5.02 11.57
N LEU A 134 -28.15 -5.64 11.10
CA LEU A 134 -28.60 -5.45 9.72
C LEU A 134 -29.10 -4.03 9.47
N GLN A 135 -29.84 -3.47 10.42
CA GLN A 135 -30.30 -2.11 10.26
C GLN A 135 -29.13 -1.14 10.21
N SER A 136 -28.12 -1.37 11.05
CA SER A 136 -26.95 -0.49 11.07
C SER A 136 -26.19 -0.61 9.74
N GLN A 137 -26.11 -1.83 9.21
CA GLN A 137 -25.31 -2.10 8.01
C GLN A 137 -25.88 -1.33 6.82
N ILE A 138 -27.20 -1.16 6.77
CA ILE A 138 -27.82 -0.49 5.64
C ILE A 138 -27.99 1.00 5.90
N GLY A 139 -27.63 1.43 7.09
CA GLY A 139 -27.60 2.84 7.38
C GLY A 139 -28.91 3.35 7.94
N ASP A 140 -29.79 2.41 8.30
CA ASP A 140 -31.06 2.73 8.95
C ASP A 140 -30.87 2.79 10.48
N PHE A 141 -30.19 3.83 10.96
CA PHE A 141 -29.91 3.95 12.40
C PHE A 141 -31.17 4.33 13.21
N LYS A 142 -32.14 4.97 12.56
CA LYS A 142 -33.45 5.22 13.17
C LYS A 142 -34.04 3.93 13.72
N ASN A 143 -34.13 2.91 12.88
CA ASN A 143 -34.70 1.66 13.31
C ASN A 143 -33.74 0.83 14.12
N ALA A 144 -32.45 0.95 13.80
CA ALA A 144 -31.42 0.28 14.59
C ALA A 144 -31.57 0.68 16.06
N LEU A 145 -31.86 1.95 16.32
CA LEU A 145 -31.99 2.46 17.68
C LEU A 145 -33.19 1.79 18.38
N VAL A 146 -34.30 1.65 17.68
CA VAL A 146 -35.42 0.91 18.23
C VAL A 146 -34.95 -0.50 18.61
N SER A 147 -34.23 -1.19 17.74
CA SER A 147 -33.78 -2.55 18.03
C SER A 147 -32.79 -2.63 19.22
N ARG A 148 -31.87 -1.67 19.32
CA ARG A 148 -30.94 -1.60 20.47
C ARG A 148 -31.70 -1.41 21.78
N LYS A 149 -32.76 -0.60 21.78
CA LYS A 149 -33.54 -0.39 23.01
C LYS A 149 -34.21 -1.68 23.47
N LYS A 150 -34.82 -2.42 22.56
CA LYS A 150 -35.51 -3.65 22.96
C LYS A 150 -34.54 -4.73 23.44
N TYR A 151 -33.35 -4.78 22.83
CA TYR A 151 -32.38 -5.81 23.18
C TYR A 151 -31.79 -5.46 24.55
N TRP A 152 -31.56 -4.16 24.78
CA TRP A 152 -31.06 -3.69 26.05
C TRP A 152 -32.04 -4.02 27.20
N GLU A 153 -33.33 -3.77 26.98
CA GLU A 153 -34.38 -4.13 27.96
C GLU A 153 -34.40 -5.62 28.28
N ALA A 154 -34.22 -6.46 27.26
CA ALA A 154 -34.18 -7.91 27.41
C ALA A 154 -32.91 -8.45 28.05
N PHE A 155 -31.82 -7.72 27.96
CA PHE A 155 -30.53 -8.23 28.42
C PHE A 155 -29.71 -7.11 29.01
N LEU A 156 -30.20 -6.55 30.10
CA LEU A 156 -29.57 -5.44 30.77
C LEU A 156 -28.27 -5.81 31.42
N GLY A 157 -28.02 -7.11 31.58
CA GLY A 157 -26.89 -7.57 32.36
C GLY A 157 -25.56 -7.44 31.60
N TYR A 158 -25.62 -7.20 30.30
CA TYR A 158 -24.40 -7.18 29.46
C TYR A 158 -24.05 -5.77 29.02
N ARG A 159 -22.86 -5.34 29.37
CA ARG A 159 -22.45 -3.98 29.12
C ARG A 159 -22.50 -3.66 27.63
N ALA A 160 -22.24 -4.65 26.81
CA ALA A 160 -22.23 -4.47 25.37
C ALA A 160 -23.53 -3.84 24.90
N ASN A 161 -24.62 -4.13 25.61
CA ASN A 161 -25.94 -3.72 25.14
C ASN A 161 -26.23 -2.29 25.52
N TRP A 162 -25.53 -1.83 26.56
CA TRP A 162 -25.55 -0.46 26.97
C TRP A 162 -24.70 0.38 26.01
N THR A 163 -23.50 -0.09 25.72
CA THR A 163 -22.62 0.58 24.77
C THR A 163 -23.31 0.73 23.41
N SER A 164 -23.93 -0.33 22.93
CA SER A 164 -24.54 -0.26 21.60
C SER A 164 -25.77 0.66 21.56
N LEU A 165 -26.55 0.71 22.65
CA LEU A 165 -27.66 1.67 22.74
C LEU A 165 -27.12 3.08 22.74
N ALA A 166 -26.08 3.32 23.54
CA ALA A 166 -25.49 4.67 23.57
C ALA A 166 -25.00 5.05 22.19
N VAL A 167 -24.36 4.10 21.49
CA VAL A 167 -23.85 4.43 20.12
C VAL A 167 -25.00 4.79 19.19
N ALA A 168 -26.13 4.08 19.30
CA ALA A 168 -27.27 4.34 18.43
C ALA A 168 -27.86 5.73 18.76
N GLN A 169 -27.94 6.04 20.03
CA GLN A 169 -28.45 7.31 20.48
C GLN A 169 -27.60 8.45 19.91
N ASP A 170 -26.29 8.33 20.06
CA ASP A 170 -25.29 9.27 19.54
C ASP A 170 -25.44 9.45 18.02
N VAL A 171 -25.53 8.36 17.29
CA VAL A 171 -25.62 8.45 15.82
C VAL A 171 -26.94 9.11 15.37
N ASN A 172 -27.99 8.95 16.15
CA ASN A 172 -29.24 9.63 15.90
C ASN A 172 -29.25 11.03 16.47
N GLY A 173 -28.10 11.54 16.88
CA GLY A 173 -28.04 12.89 17.44
C GLY A 173 -28.55 13.09 18.86
N GLU A 174 -28.95 12.01 19.54
CA GLU A 174 -29.39 12.09 20.95
C GLU A 174 -28.20 12.00 21.91
N ARG A 175 -27.43 13.06 21.97
CA ARG A 175 -26.16 12.99 22.67
C ARG A 175 -26.26 12.96 24.18
N GLN A 176 -27.19 13.73 24.75
CA GLN A 176 -27.34 13.72 26.17
C GLN A 176 -27.84 12.36 26.58
N GLN A 177 -28.74 11.78 25.78
CA GLN A 177 -29.27 10.49 26.13
C GLN A 177 -28.17 9.44 26.10
N ALA A 178 -27.28 9.56 25.13
CA ALA A 178 -26.14 8.68 25.00
C ALA A 178 -25.28 8.77 26.23
N ILE A 179 -24.94 10.00 26.62
CA ILE A 179 -24.15 10.23 27.81
C ILE A 179 -24.86 9.67 29.05
N ASN A 180 -26.18 9.86 29.13
CA ASN A 180 -26.91 9.38 30.29
C ASN A 180 -26.87 7.85 30.34
N THR A 181 -27.04 7.20 29.20
CA THR A 181 -26.98 5.74 29.15
C THR A 181 -25.63 5.24 29.66
N LEU A 182 -24.54 5.85 29.20
CA LEU A 182 -23.21 5.45 29.62
C LEU A 182 -22.97 5.68 31.13
N SER A 183 -23.44 6.84 31.60
CA SER A 183 -23.28 7.26 32.98
C SER A 183 -24.07 6.36 33.92
N GLN A 184 -25.27 5.96 33.50
CA GLN A 184 -26.13 5.05 34.28
C GLN A 184 -25.47 3.68 34.40
N PHE A 185 -24.85 3.16 33.33
CA PHE A 185 -24.06 1.94 33.47
C PHE A 185 -22.88 2.11 34.44
N GLU A 186 -22.15 3.21 34.32
CA GLU A 186 -21.03 3.43 35.22
C GLU A 186 -21.47 3.36 36.68
N LYS A 187 -22.61 3.98 36.99
CA LYS A 187 -23.11 4.01 38.37
C LYS A 187 -23.38 2.58 38.84
N LEU A 188 -23.98 1.77 37.97
CA LEU A 188 -24.27 0.41 38.34
C LEU A 188 -23.02 -0.42 38.48
N ALA A 189 -21.99 -0.09 37.72
CA ALA A 189 -20.75 -0.85 37.72
C ALA A 189 -19.71 -0.33 38.70
N GLU A 190 -20.00 0.77 39.38
CA GLU A 190 -19.05 1.34 40.33
C GLU A 190 -18.66 0.26 41.33
N GLY A 191 -17.37 -0.07 41.39
CA GLY A 191 -16.87 -1.11 42.28
C GLY A 191 -17.13 -2.56 41.87
N LYS A 192 -17.61 -2.79 40.65
CA LYS A 192 -17.93 -4.13 40.20
C LYS A 192 -17.21 -4.46 38.87
N ILE A 193 -16.17 -3.68 38.53
CA ILE A 193 -15.39 -3.86 37.30
C ILE A 193 -14.15 -4.74 37.54
N SER A 194 -14.09 -5.93 36.92
CA SER A 194 -12.96 -6.84 37.07
C SER A 194 -11.77 -6.43 36.22
N ASP A 195 -10.62 -7.02 36.48
CA ASP A 195 -9.43 -6.63 35.73
C ASP A 195 -9.64 -6.75 34.24
N SER A 196 -10.26 -7.83 33.80
CA SER A 196 -10.39 -8.11 32.38
C SER A 196 -11.42 -7.20 31.70
N GLU A 197 -12.23 -6.52 32.52
CA GLU A 197 -13.22 -5.60 32.01
C GLU A 197 -12.67 -4.20 32.01
N LYS A 198 -11.43 -3.99 32.49
CA LYS A 198 -10.94 -2.62 32.62
C LYS A 198 -10.64 -1.93 31.28
N TYR A 199 -10.22 -2.69 30.26
CA TYR A 199 -9.93 -2.10 28.95
C TYR A 199 -11.23 -1.50 28.33
N GLU A 200 -12.26 -2.34 28.22
CA GLU A 200 -13.59 -1.86 27.88
C GLU A 200 -14.05 -0.64 28.68
N HIS A 201 -13.82 -0.66 30.00
CA HIS A 201 -14.20 0.49 30.84
C HIS A 201 -13.50 1.79 30.40
N SER A 202 -12.18 1.69 30.26
CA SER A 202 -11.38 2.81 29.80
C SER A 202 -11.93 3.34 28.49
N GLU A 203 -12.23 2.44 27.56
CA GLU A 203 -12.73 2.85 26.25
C GLU A 203 -14.06 3.56 26.38
N CYS A 204 -14.95 3.01 27.21
CA CYS A 204 -16.26 3.63 27.39
C CYS A 204 -16.18 4.93 28.12
N LEU A 205 -15.22 5.08 29.02
CA LEU A 205 -14.99 6.37 29.64
C LEU A 205 -14.58 7.42 28.60
N MET A 206 -13.63 7.08 27.73
CA MET A 206 -13.17 8.06 26.74
C MET A 206 -14.29 8.36 25.76
N TYR A 207 -15.10 7.35 25.45
CA TYR A 207 -16.18 7.56 24.50
C TYR A 207 -17.18 8.57 25.04
N LYS A 208 -17.51 8.46 26.32
CA LYS A 208 -18.40 9.46 26.94
C LYS A 208 -17.77 10.84 26.86
N ASN A 209 -16.46 10.93 27.08
CA ASN A 209 -15.80 12.22 27.00
C ASN A 209 -15.93 12.82 25.60
N ASP A 210 -15.81 11.97 24.58
CA ASP A 210 -16.00 12.41 23.19
C ASP A 210 -17.36 13.06 22.96
N ILE A 211 -18.42 12.40 23.41
CA ILE A 211 -19.76 12.94 23.20
C ILE A 211 -19.93 14.27 23.98
N MET A 212 -19.47 14.29 25.22
CA MET A 212 -19.56 15.50 26.04
C MET A 212 -18.76 16.58 25.33
N TYR A 213 -17.62 16.18 24.77
CA TYR A 213 -16.75 17.17 24.17
C TYR A 213 -17.39 17.80 22.92
N LYS A 214 -17.99 16.98 22.05
CA LYS A 214 -18.67 17.54 20.86
C LYS A 214 -19.82 18.50 21.25
N ALA A 215 -20.59 18.10 22.26
CA ALA A 215 -21.74 18.90 22.67
C ALA A 215 -21.31 20.18 23.39
N ALA A 216 -20.09 20.22 23.91
CA ALA A 216 -19.58 21.43 24.57
C ALA A 216 -19.32 22.53 23.57
N SER A 217 -19.03 22.15 22.33
CA SER A 217 -18.68 23.12 21.28
C SER A 217 -17.60 24.11 21.80
N ASP A 218 -17.90 25.42 21.77
CA ASP A 218 -16.95 26.45 22.24
C ASP A 218 -17.48 27.10 23.53
N ASN A 219 -18.51 26.51 24.12
CA ASN A 219 -19.09 27.01 25.36
C ASN A 219 -18.15 26.79 26.51
N GLN A 220 -17.69 27.86 27.14
CA GLN A 220 -16.57 27.76 28.06
C GLN A 220 -16.87 26.99 29.33
N ASP A 221 -18.12 26.98 29.80
CA ASP A 221 -18.43 26.28 31.05
C ASP A 221 -18.49 24.79 30.76
N LYS A 222 -19.24 24.45 29.74
CA LYS A 222 -19.30 23.06 29.30
C LYS A 222 -17.87 22.49 29.10
N LEU A 223 -17.03 23.20 28.34
CA LEU A 223 -15.64 22.78 28.09
C LEU A 223 -14.88 22.59 29.38
N GLN A 224 -15.19 23.44 30.35
CA GLN A 224 -14.57 23.35 31.65
C GLN A 224 -14.97 22.03 32.36
N ASN A 225 -16.25 21.64 32.20
CA ASN A 225 -16.74 20.41 32.79
CA ASN A 225 -16.75 20.38 32.78
C ASN A 225 -16.22 19.16 32.04
N VAL A 226 -16.00 19.29 30.73
CA VAL A 226 -15.45 18.16 29.94
C VAL A 226 -14.03 17.86 30.43
N LEU A 227 -13.31 18.93 30.77
CA LEU A 227 -11.93 18.85 31.28
C LEU A 227 -11.86 18.22 32.63
N LYS A 228 -12.82 18.59 33.49
CA LYS A 228 -13.01 17.99 34.80
C LYS A 228 -13.25 16.49 34.66
N HIS A 229 -14.19 16.12 33.78
CA HIS A 229 -14.40 14.70 33.52
C HIS A 229 -13.11 13.99 33.08
N LEU A 230 -12.36 14.60 32.16
CA LEU A 230 -11.12 13.96 31.68
C LEU A 230 -10.11 13.75 32.81
N ASN A 231 -9.99 14.76 33.67
CA ASN A 231 -9.13 14.65 34.85
C ASN A 231 -9.61 13.53 35.78
N ASP A 232 -10.93 13.49 36.00
CA ASP A 232 -11.50 12.44 36.84
C ASP A 232 -11.23 11.03 36.31
N ILE A 233 -11.25 10.84 34.98
CA ILE A 233 -11.18 9.47 34.45
C ILE A 233 -9.76 9.01 34.14
N GLU A 234 -8.84 9.96 34.12
CA GLU A 234 -7.46 9.68 33.72
C GLU A 234 -6.85 8.42 34.36
N PRO A 235 -7.05 8.25 35.69
CA PRO A 235 -6.48 7.05 36.30
C PRO A 235 -7.08 5.73 35.77
N CYS A 236 -8.30 5.75 35.24
CA CYS A 236 -8.91 4.53 34.65
C CYS A 236 -8.85 4.50 33.11
N VAL A 237 -8.16 5.44 32.49
CA VAL A 237 -8.02 5.42 31.04
C VAL A 237 -6.60 4.99 30.66
N PHE A 238 -6.53 3.96 29.83
CA PHE A 238 -5.26 3.39 29.36
C PHE A 238 -4.84 3.94 28.00
N ASP A 239 -5.72 4.68 27.32
CA ASP A 239 -5.38 5.33 26.08
C ASP A 239 -4.81 6.70 26.42
N LYS A 240 -3.54 6.72 26.80
CA LYS A 240 -2.91 7.94 27.31
C LYS A 240 -2.65 8.97 26.19
N PHE A 241 -2.26 8.52 25.01
CA PHE A 241 -2.12 9.47 23.90
C PHE A 241 -3.47 10.14 23.61
N GLY A 242 -4.53 9.33 23.55
CA GLY A 242 -5.84 9.85 23.25
C GLY A 242 -6.29 10.82 24.33
N LEU A 243 -6.08 10.47 25.58
CA LEU A 243 -6.45 11.39 26.66
C LEU A 243 -5.62 12.68 26.56
N LEU A 244 -4.31 12.56 26.39
CA LEU A 244 -3.48 13.77 26.30
C LEU A 244 -3.89 14.67 25.14
N GLU A 245 -4.25 14.08 24.01
CA GLU A 245 -4.61 14.88 22.84
C GLU A 245 -5.92 15.66 23.09
N ARG A 246 -6.84 15.02 23.81
CA ARG A 246 -8.14 15.63 24.07
C ARG A 246 -7.93 16.76 25.05
N LYS A 247 -7.09 16.49 26.04
CA LYS A 247 -6.69 17.48 27.04
C LYS A 247 -6.10 18.76 26.44
N ALA A 248 -5.16 18.61 25.49
CA ALA A 248 -4.56 19.77 24.83
C ALA A 248 -5.62 20.56 24.10
N THR A 249 -6.48 19.89 23.35
CA THR A 249 -7.44 20.61 22.53
C THR A 249 -8.43 21.35 23.41
N ILE A 250 -8.85 20.75 24.53
CA ILE A 250 -9.74 21.44 25.46
C ILE A 250 -9.08 22.75 25.95
N TYR A 251 -7.86 22.64 26.49
CA TYR A 251 -7.12 23.83 26.90
C TYR A 251 -7.09 24.86 25.78
N MET A 252 -6.84 24.45 24.54
CA MET A 252 -6.81 25.40 23.45
C MET A 252 -8.15 26.14 23.31
N LYS A 253 -9.25 25.42 23.40
CA LYS A 253 -10.56 26.05 23.22
C LYS A 253 -10.97 26.86 24.45
N LEU A 254 -10.28 26.65 25.56
CA LEU A 254 -10.48 27.44 26.77
C LEU A 254 -9.52 28.64 26.78
N GLY A 255 -8.68 28.72 25.75
CA GLY A 255 -7.79 29.84 25.61
C GLY A 255 -6.68 29.79 26.64
N GLN A 256 -6.52 28.63 27.27
CA GLN A 256 -5.42 28.40 28.21
C GLN A 256 -4.20 27.81 27.50
N LEU A 257 -3.62 28.60 26.59
CA LEU A 257 -2.55 28.15 25.70
C LEU A 257 -1.31 27.61 26.44
N LYS A 258 -0.99 28.19 27.58
CA LYS A 258 0.19 27.77 28.32
C LYS A 258 -0.01 26.34 28.77
N ASP A 259 -1.19 26.06 29.33
CA ASP A 259 -1.53 24.70 29.78
C ASP A 259 -1.45 23.71 28.57
N ALA A 260 -1.97 24.15 27.44
CA ALA A 260 -1.99 23.37 26.22
C ALA A 260 -0.55 23.05 25.87
N SER A 261 0.29 24.09 25.93
CA SER A 261 1.70 23.95 25.56
C SER A 261 2.41 22.89 26.41
N ILE A 262 2.10 22.81 27.70
CA ILE A 262 2.71 21.74 28.52
C ILE A 262 2.28 20.36 28.04
N VAL A 263 1.02 20.22 27.62
CA VAL A 263 0.53 18.93 27.21
C VAL A 263 1.15 18.53 25.86
N TYR A 264 1.24 19.47 24.92
CA TYR A 264 1.89 19.19 23.66
C TYR A 264 3.34 18.80 23.87
N ARG A 265 4.01 19.41 24.83
CA ARG A 265 5.40 19.01 25.13
C ARG A 265 5.41 17.60 25.68
N THR A 266 4.32 17.22 26.35
CA THR A 266 4.20 15.90 26.96
C THR A 266 3.95 14.86 25.84
N LEU A 267 3.10 15.21 24.87
CA LEU A 267 2.89 14.41 23.67
C LEU A 267 4.18 14.24 22.83
N ILE A 268 4.93 15.31 22.63
CA ILE A 268 6.19 15.22 21.88
C ILE A 268 7.15 14.26 22.54
N LYS A 269 7.25 14.34 23.86
CA LYS A 269 8.15 13.46 24.59
C LYS A 269 7.70 12.01 24.43
N ARG A 270 6.40 11.80 24.23
CA ARG A 270 5.91 10.43 24.07
C ARG A 270 6.17 9.97 22.65
N ASN A 271 6.20 10.92 21.73
CA ASN A 271 6.46 10.58 20.32
C ASN A 271 7.09 11.74 19.61
N PRO A 272 8.41 11.86 19.75
CA PRO A 272 9.11 13.03 19.20
C PRO A 272 9.25 12.95 17.67
N ASP A 273 8.79 11.85 17.08
CA ASP A 273 8.80 11.63 15.63
C ASP A 273 7.48 11.96 14.98
N ASN A 274 6.59 12.60 15.74
CA ASN A 274 5.29 13.02 15.23
C ASN A 274 5.31 14.52 14.96
N PHE A 275 5.36 14.89 13.69
CA PHE A 275 5.38 16.32 13.31
C PHE A 275 4.23 17.13 13.87
N LYS A 276 3.04 16.54 13.91
CA LYS A 276 1.82 17.32 14.18
C LYS A 276 1.89 18.03 15.51
N TYR A 277 2.44 17.34 16.50
CA TYR A 277 2.60 17.84 17.85
C TYR A 277 3.48 19.11 17.91
N TYR A 278 4.54 19.13 17.10
CA TYR A 278 5.42 20.29 17.05
C TYR A 278 4.70 21.53 16.55
N LYS A 279 3.87 21.40 15.52
CA LYS A 279 3.23 22.58 14.97
C LYS A 279 2.14 23.09 15.90
N LEU A 280 1.40 22.17 16.50
CA LEU A 280 0.41 22.53 17.51
C LEU A 280 1.06 23.25 18.71
N LEU A 281 2.30 22.87 19.08
CA LEU A 281 3.06 23.54 20.17
C LEU A 281 3.38 25.01 19.81
N GLU A 282 3.90 25.22 18.59
CA GLU A 282 4.05 26.57 18.03
C GLU A 282 2.80 27.42 18.25
N VAL A 283 1.65 26.92 17.83
CA VAL A 283 0.41 27.69 18.00
C VAL A 283 0.09 27.95 19.48
N SER A 284 0.35 26.97 20.36
CA SER A 284 0.05 27.20 21.76
C SER A 284 1.00 28.24 22.39
N LEU A 285 2.13 28.49 21.77
CA LEU A 285 3.09 29.46 22.33
C LEU A 285 2.94 30.81 21.66
N GLY A 286 2.03 30.90 20.70
CA GLY A 286 1.76 32.15 20.01
C GLY A 286 2.88 32.56 19.09
N ILE A 287 3.85 31.68 18.84
CA ILE A 287 4.97 31.97 17.95
C ILE A 287 4.87 31.44 16.50
N GLN A 288 3.66 31.15 16.00
CA GLN A 288 3.45 30.71 14.60
C GLN A 288 4.09 31.65 13.60
N GLY A 289 3.99 32.95 13.90
CA GLY A 289 4.42 33.98 12.97
C GLY A 289 5.76 34.60 13.29
N ASP A 290 6.50 33.98 14.20
CA ASP A 290 7.74 34.56 14.71
C ASP A 290 8.91 33.62 14.47
N ASN A 291 9.60 33.81 13.35
CA ASN A 291 10.70 32.91 13.00
C ASN A 291 11.85 32.97 14.00
N LYS A 292 12.03 34.12 14.63
CA LYS A 292 13.09 34.24 15.61
C LYS A 292 12.82 33.26 16.76
N LEU A 293 11.61 33.29 17.30
CA LEU A 293 11.29 32.42 18.43
C LEU A 293 11.15 30.96 17.96
N LYS A 294 10.66 30.74 16.73
CA LYS A 294 10.60 29.37 16.21
C LYS A 294 12.00 28.74 16.14
N LYS A 295 12.97 29.52 15.69
CA LYS A 295 14.36 29.05 15.58
C LYS A 295 14.86 28.58 16.95
N ALA A 296 14.52 29.33 17.99
CA ALA A 296 14.95 29.03 19.34
C ALA A 296 14.23 27.81 19.90
N LEU A 297 12.92 27.75 19.68
CA LEU A 297 12.13 26.58 20.11
C LEU A 297 12.75 25.28 19.57
N TYR A 298 12.96 25.21 18.26
CA TYR A 298 13.49 23.97 17.64
C TYR A 298 14.94 23.73 17.98
N GLY A 299 15.69 24.79 18.24
CA GLY A 299 17.04 24.65 18.73
C GLY A 299 17.01 23.95 20.08
N LYS A 300 16.14 24.40 20.97
CA LYS A 300 15.97 23.73 22.27
C LYS A 300 15.45 22.29 22.11
N LEU A 301 14.43 22.10 21.28
CA LEU A 301 13.86 20.77 21.13
C LEU A 301 14.85 19.79 20.51
N GLU A 302 15.77 20.31 19.69
CA GLU A 302 16.78 19.47 19.07
C GLU A 302 17.70 18.88 20.12
N GLN A 303 17.90 19.59 21.24
CA GLN A 303 18.78 19.04 22.29
C GLN A 303 18.16 17.85 23.02
N PHE A 304 16.85 17.87 23.18
CA PHE A 304 16.13 16.75 23.81
C PHE A 304 16.02 15.61 22.84
N TYR A 305 15.83 15.95 21.56
CA TYR A 305 15.47 14.94 20.56
C TYR A 305 16.36 15.01 19.34
N PRO A 306 17.65 14.66 19.53
CA PRO A 306 18.70 14.78 18.50
C PRO A 306 18.56 13.85 17.26
N ARG A 307 17.95 12.68 17.40
CA ARG A 307 17.82 11.76 16.25
C ARG A 307 16.53 12.04 15.44
N CYS A 308 15.69 12.94 15.92
CA CYS A 308 14.35 13.10 15.38
C CYS A 308 14.30 14.17 14.27
N GLU A 309 13.43 13.94 13.30
CA GLU A 309 13.33 14.80 12.13
C GLU A 309 12.77 16.19 12.39
N PRO A 310 11.68 16.28 13.17
CA PRO A 310 11.03 17.59 13.25
C PRO A 310 11.91 18.79 13.70
N PRO A 311 12.73 18.66 14.77
CA PRO A 311 13.58 19.79 15.16
C PRO A 311 14.56 20.23 14.03
N LYS A 312 15.12 19.26 13.31
CA LYS A 312 16.03 19.58 12.18
C LYS A 312 15.31 20.09 10.94
N PHE A 313 14.12 19.55 10.68
CA PHE A 313 13.47 19.79 9.43
C PHE A 313 12.55 21.04 9.40
N ILE A 314 11.83 21.31 10.49
CA ILE A 314 10.82 22.37 10.42
C ILE A 314 11.45 23.73 10.06
N PRO A 315 12.64 24.05 10.62
CA PRO A 315 13.28 25.32 10.24
C PRO A 315 13.57 25.42 8.75
N LEU A 316 13.83 24.29 8.09
CA LEU A 316 13.98 24.29 6.64
C LEU A 316 12.72 24.82 5.92
N THR A 317 11.58 24.87 6.60
CA THR A 317 10.36 25.35 5.92
C THR A 317 10.10 26.87 6.02
N PHE A 318 10.84 27.57 6.92
CA PHE A 318 10.67 29.02 7.11
C PHE A 318 11.97 29.88 7.10
N LEU A 319 13.13 29.30 7.33
CA LEU A 319 14.35 30.11 7.21
C LEU A 319 14.42 30.79 5.85
N GLN A 320 14.72 32.09 5.82
CA GLN A 320 14.82 32.81 4.55
C GLN A 320 16.23 33.31 4.29
N ASP A 321 16.98 33.61 5.34
CA ASP A 321 18.34 34.04 5.12
C ASP A 321 19.15 32.94 4.45
N LYS A 322 19.54 33.20 3.19
CA LYS A 322 20.35 32.29 2.37
C LYS A 322 21.43 31.53 3.16
N GLU A 323 22.19 32.26 3.95
CA GLU A 323 23.29 31.69 4.67
CA GLU A 323 23.30 31.66 4.68
C GLU A 323 22.80 30.84 5.85
N GLU A 324 21.72 31.27 6.51
CA GLU A 324 21.19 30.46 7.62
C GLU A 324 20.50 29.20 7.07
N LEU A 325 19.61 29.38 6.11
CA LEU A 325 18.97 28.24 5.44
C LEU A 325 20.03 27.27 4.96
N SER A 326 21.06 27.80 4.30
CA SER A 326 22.13 26.96 3.75
C SER A 326 22.85 26.13 4.82
N LYS A 327 23.19 26.78 5.92
CA LYS A 327 23.81 26.10 7.06
C LYS A 327 22.89 24.99 7.62
N LYS A 328 21.60 25.29 7.72
CA LYS A 328 20.65 24.32 8.24
C LYS A 328 20.44 23.13 7.28
N LEU A 329 20.30 23.42 5.99
CA LEU A 329 20.23 22.36 4.97
C LEU A 329 21.41 21.45 5.08
N ARG A 330 22.60 22.03 5.22
CA ARG A 330 23.80 21.22 5.29
C ARG A 330 23.77 20.32 6.51
N GLU A 331 23.30 20.86 7.62
CA GLU A 331 23.30 20.12 8.88
C GLU A 331 22.29 19.01 8.86
N TYR A 332 21.25 19.18 8.06
CA TYR A 332 20.23 18.15 7.91
C TYR A 332 20.70 17.05 6.96
N VAL A 333 21.18 17.40 5.74
CA VAL A 333 21.44 16.32 4.78
C VAL A 333 22.80 15.65 4.87
N LEU A 334 23.87 16.35 5.22
CA LEU A 334 25.21 15.71 5.21
C LEU A 334 25.32 14.51 6.16
N PRO A 335 24.76 14.60 7.38
CA PRO A 335 24.89 13.44 8.26
C PRO A 335 24.13 12.22 7.74
N GLN A 336 23.08 12.44 6.97
CA GLN A 336 22.33 11.30 6.42
C GLN A 336 23.17 10.63 5.32
N LEU A 337 23.82 11.44 4.48
CA LEU A 337 24.68 10.89 3.43
C LEU A 337 25.83 10.11 4.04
N GLU A 338 26.37 10.66 5.13
CA GLU A 338 27.48 10.05 5.85
C GLU A 338 27.11 8.69 6.39
N ARG A 339 25.91 8.57 6.95
CA ARG A 339 25.43 7.26 7.40
C ARG A 339 24.98 6.40 6.24
N GLY A 340 24.83 6.99 5.06
CA GLY A 340 24.40 6.21 3.91
C GLY A 340 22.90 5.93 3.86
N VAL A 341 22.06 6.88 4.23
CA VAL A 341 20.61 6.61 4.17
C VAL A 341 20.07 6.81 2.75
N PRO A 342 19.35 5.79 2.24
CA PRO A 342 18.80 5.85 0.91
C PRO A 342 17.82 7.00 0.69
N ALA A 343 16.90 7.21 1.62
CA ALA A 343 15.85 8.21 1.40
C ALA A 343 16.30 9.65 1.78
N THR A 344 17.60 9.96 1.66
CA THR A 344 18.07 11.31 2.01
C THR A 344 17.38 12.31 1.07
N PHE A 345 17.50 12.10 -0.24
CA PHE A 345 16.84 13.02 -1.16
C PHE A 345 15.34 13.08 -0.90
N SER A 346 14.75 11.90 -0.74
CA SER A 346 13.29 11.81 -0.62
CA SER A 346 13.32 11.79 -0.65
C SER A 346 12.82 12.57 0.57
N ASN A 347 13.64 12.56 1.61
CA ASN A 347 13.34 13.35 2.79
C ASN A 347 13.26 14.85 2.53
N VAL A 348 14.08 15.35 1.61
CA VAL A 348 14.07 16.78 1.34
C VAL A 348 13.20 17.11 0.14
N LYS A 349 12.69 16.07 -0.52
CA LYS A 349 11.92 16.28 -1.75
C LYS A 349 10.78 17.28 -1.54
N PRO A 350 10.10 17.22 -0.39
CA PRO A 350 9.02 18.21 -0.27
C PRO A 350 9.53 19.68 -0.19
N LEU A 351 10.78 19.91 0.20
CA LEU A 351 11.34 21.28 0.08
C LEU A 351 11.62 21.69 -1.37
N TYR A 352 12.12 20.75 -2.16
CA TYR A 352 12.31 21.00 -3.57
C TYR A 352 10.98 21.27 -4.25
N GLN A 353 9.90 20.71 -3.70
CA GLN A 353 8.58 20.91 -4.27
C GLN A 353 7.92 22.25 -3.89
N ARG A 354 8.17 22.72 -2.67
CA ARG A 354 7.54 23.94 -2.15
C ARG A 354 8.46 25.16 -2.13
N ARG A 355 9.74 24.92 -2.25
CA ARG A 355 10.78 25.94 -2.10
C ARG A 355 11.86 25.71 -3.15
N LYS A 356 11.43 25.34 -4.36
CA LYS A 356 12.36 24.89 -5.41
C LYS A 356 13.51 25.88 -5.66
N SER A 357 13.14 27.10 -6.02
CA SER A 357 14.12 28.10 -6.47
C SER A 357 15.08 28.44 -5.35
N LYS A 358 14.56 28.44 -4.13
CA LYS A 358 15.38 28.72 -2.96
C LYS A 358 16.34 27.56 -2.57
N VAL A 359 15.80 26.34 -2.47
CA VAL A 359 16.52 25.23 -1.81
C VAL A 359 17.38 24.38 -2.75
N SER A 360 16.97 24.22 -4.01
CA SER A 360 17.71 23.29 -4.88
C SER A 360 19.11 23.79 -5.26
N PRO A 361 19.26 25.09 -5.63
CA PRO A 361 20.62 25.56 -5.92
C PRO A 361 21.52 25.39 -4.71
N LEU A 362 20.99 25.63 -3.53
CA LEU A 362 21.77 25.53 -2.29
C LEU A 362 22.18 24.09 -1.99
N LEU A 363 21.28 23.14 -2.23
CA LEU A 363 21.59 21.74 -1.95
C LEU A 363 22.51 21.14 -3.02
N GLU A 364 22.30 21.52 -4.28
CA GLU A 364 23.23 21.17 -5.32
C GLU A 364 24.68 21.52 -4.91
N LYS A 365 24.93 22.79 -4.57
CA LYS A 365 26.27 23.17 -4.13
C LYS A 365 26.76 22.41 -2.88
N ILE A 366 25.91 22.32 -1.87
CA ILE A 366 26.30 21.61 -0.64
C ILE A 366 26.72 20.16 -0.91
N VAL A 367 25.95 19.46 -1.74
CA VAL A 367 26.17 18.04 -1.93
C VAL A 367 27.28 17.79 -2.95
N LEU A 368 27.44 18.69 -3.92
CA LEU A 368 28.59 18.58 -4.81
C LEU A 368 29.91 18.80 -4.05
N ASP A 369 29.96 19.80 -3.16
CA ASP A 369 31.18 20.06 -2.37
C ASP A 369 31.47 18.86 -1.49
N TYR A 370 30.43 18.27 -0.89
CA TYR A 370 30.61 17.12 0.00
C TYR A 370 31.22 15.96 -0.76
N LEU A 371 30.71 15.71 -1.97
CA LEU A 371 31.24 14.64 -2.81
C LEU A 371 32.73 14.81 -3.12
N SER A 372 33.16 16.05 -3.38
CA SER A 372 34.53 16.27 -3.85
C SER A 372 35.53 15.94 -2.74
N GLY A 373 35.10 15.96 -1.49
CA GLY A 373 35.98 15.58 -0.41
C GLY A 373 36.07 14.10 -0.16
N LEU A 374 35.24 13.31 -0.82
CA LEU A 374 35.14 11.89 -0.51
C LEU A 374 36.03 11.04 -1.40
N ASP A 375 36.59 9.99 -0.83
CA ASP A 375 37.40 9.06 -1.59
C ASP A 375 36.63 7.75 -1.71
N PRO A 376 36.56 7.18 -2.91
CA PRO A 376 35.74 5.96 -3.08
C PRO A 376 36.22 4.73 -2.32
N THR A 377 37.51 4.61 -2.03
CA THR A 377 38.06 3.43 -1.33
C THR A 377 38.12 3.62 0.19
N GLN A 378 38.11 4.87 0.65
CA GLN A 378 38.17 5.17 2.08
C GLN A 378 36.80 5.57 2.66
N ASP A 379 35.99 6.26 1.86
CA ASP A 379 34.64 6.63 2.25
C ASP A 379 33.59 5.95 1.33
N PRO A 380 33.64 4.62 1.18
CA PRO A 380 32.78 4.02 0.15
C PRO A 380 31.26 4.27 0.37
N ILE A 381 30.83 4.30 1.63
CA ILE A 381 29.41 4.39 1.92
C ILE A 381 28.89 5.80 1.61
N PRO A 382 29.51 6.82 2.17
CA PRO A 382 29.06 8.17 1.76
C PRO A 382 29.24 8.41 0.25
N PHE A 383 30.27 7.81 -0.32
CA PHE A 383 30.53 8.04 -1.73
C PHE A 383 29.34 7.56 -2.58
N ILE A 384 28.94 6.30 -2.39
CA ILE A 384 27.90 5.75 -3.24
C ILE A 384 26.55 6.41 -2.97
N TRP A 385 26.25 6.69 -1.70
CA TRP A 385 24.95 7.27 -1.35
C TRP A 385 24.85 8.76 -1.63
N THR A 386 26.00 9.44 -1.67
CA THR A 386 26.04 10.82 -2.18
C THR A 386 25.81 10.84 -3.71
N ASN A 387 26.39 9.91 -4.43
CA ASN A 387 26.12 9.81 -5.87
C ASN A 387 24.64 9.50 -6.09
N TYR A 388 24.11 8.61 -5.26
CA TYR A 388 22.68 8.28 -5.34
C TYR A 388 21.81 9.54 -5.10
N TYR A 389 22.11 10.29 -4.07
CA TYR A 389 21.40 11.58 -3.82
C TYR A 389 21.46 12.45 -5.08
N LEU A 390 22.63 12.58 -5.66
CA LEU A 390 22.76 13.54 -6.74
C LEU A 390 22.04 13.04 -7.98
N SER A 391 22.03 11.73 -8.16
CA SER A 391 21.20 11.13 -9.16
C SER A 391 19.73 11.53 -8.96
N GLN A 392 19.25 11.48 -7.73
CA GLN A 392 17.85 11.77 -7.45
C GLN A 392 17.61 13.24 -7.72
N HIS A 393 18.56 14.07 -7.29
CA HIS A 393 18.54 15.54 -7.46
C HIS A 393 18.36 15.92 -8.92
N PHE A 394 19.23 15.42 -9.79
CA PHE A 394 19.16 15.79 -11.19
C PHE A 394 17.96 15.15 -11.91
N LEU A 395 17.56 13.96 -11.47
CA LEU A 395 16.30 13.39 -11.93
C LEU A 395 15.13 14.31 -11.60
N PHE A 396 15.04 14.77 -10.35
CA PHE A 396 13.95 15.68 -10.00
C PHE A 396 13.98 16.93 -10.89
N LEU A 397 15.17 17.48 -11.18
CA LEU A 397 15.29 18.68 -12.00
C LEU A 397 15.27 18.36 -13.51
N LYS A 398 15.09 17.10 -13.88
CA LYS A 398 14.88 16.72 -15.29
C LYS A 398 16.13 16.83 -16.18
N ASP A 399 17.30 16.80 -15.54
CA ASP A 399 18.56 16.62 -16.24
C ASP A 399 18.89 15.13 -16.25
N PHE A 400 18.35 14.42 -17.22
CA PHE A 400 18.45 12.97 -17.19
C PHE A 400 19.87 12.47 -17.49
N PRO A 401 20.62 13.11 -18.42
CA PRO A 401 21.96 12.52 -18.58
C PRO A 401 22.81 12.60 -17.33
N LYS A 402 22.75 13.72 -16.62
CA LYS A 402 23.49 13.88 -15.37
C LYS A 402 22.98 12.89 -14.33
N ALA A 403 21.67 12.70 -14.26
CA ALA A 403 21.14 11.70 -13.34
C ALA A 403 21.69 10.28 -13.62
N GLN A 404 21.78 9.89 -14.90
CA GLN A 404 22.39 8.61 -15.24
C GLN A 404 23.87 8.57 -14.86
N GLU A 405 24.59 9.68 -15.04
CA GLU A 405 26.04 9.67 -14.72
C GLU A 405 26.22 9.30 -13.28
N TYR A 406 25.43 9.94 -12.42
CA TYR A 406 25.63 9.79 -11.01
C TYR A 406 25.22 8.41 -10.55
N ILE A 407 24.08 7.91 -11.03
CA ILE A 407 23.73 6.54 -10.62
C ILE A 407 24.72 5.51 -11.20
N ASP A 408 25.21 5.72 -12.42
CA ASP A 408 26.23 4.84 -12.97
C ASP A 408 27.49 4.73 -12.08
N ALA A 409 27.94 5.85 -11.52
CA ALA A 409 29.10 5.87 -10.67
C ALA A 409 28.83 5.03 -9.43
N ALA A 410 27.63 5.14 -8.88
CA ALA A 410 27.29 4.35 -7.71
C ALA A 410 27.30 2.85 -8.04
N LEU A 411 26.68 2.52 -9.17
CA LEU A 411 26.47 1.13 -9.54
C LEU A 411 27.79 0.46 -9.83
N ASP A 412 28.66 1.20 -10.50
CA ASP A 412 29.94 0.62 -10.95
C ASP A 412 30.79 0.31 -9.70
N HIS A 413 30.68 1.18 -8.71
CA HIS A 413 31.42 1.06 -7.47
C HIS A 413 30.85 -0.06 -6.62
N THR A 414 29.54 -0.04 -6.41
CA THR A 414 28.91 -1.13 -5.64
C THR A 414 27.68 -1.66 -6.33
N PRO A 415 27.85 -2.63 -7.26
CA PRO A 415 26.75 -3.18 -8.07
C PRO A 415 25.85 -4.17 -7.31
N THR A 416 26.01 -4.26 -6.01
CA THR A 416 25.25 -5.22 -5.21
C THR A 416 24.12 -4.61 -4.41
N LEU A 417 23.79 -3.36 -4.72
CA LEU A 417 22.65 -2.70 -4.07
C LEU A 417 21.44 -2.55 -5.00
N VAL A 418 20.40 -3.33 -4.72
CA VAL A 418 19.17 -3.32 -5.50
C VAL A 418 18.63 -1.93 -5.72
N GLU A 419 18.77 -1.05 -4.73
CA GLU A 419 18.23 0.29 -4.81
C GLU A 419 18.82 1.07 -5.97
N PHE A 420 20.04 0.71 -6.38
CA PHE A 420 20.71 1.47 -7.42
C PHE A 420 20.08 1.12 -8.77
N TYR A 421 19.73 -0.16 -8.93
CA TYR A 421 18.97 -0.60 -10.10
C TYR A 421 17.58 0.03 -10.22
N ILE A 422 16.90 0.21 -9.09
CA ILE A 422 15.63 0.93 -9.05
C ILE A 422 15.80 2.38 -9.54
N LEU A 423 16.76 3.12 -9.00
CA LEU A 423 16.91 4.49 -9.46
C LEU A 423 17.31 4.56 -10.94
N LYS A 424 18.22 3.69 -11.40
CA LYS A 424 18.59 3.75 -12.82
C LYS A 424 17.35 3.45 -13.71
N ALA A 425 16.59 2.42 -13.36
CA ALA A 425 15.37 2.08 -14.10
C ALA A 425 14.40 3.24 -14.11
N ARG A 426 14.27 3.89 -12.96
CA ARG A 426 13.33 5.00 -12.84
C ARG A 426 13.70 6.18 -13.77
N ILE A 427 14.98 6.47 -13.92
CA ILE A 427 15.39 7.49 -14.85
C ILE A 427 14.97 7.05 -16.27
N LEU A 428 15.16 5.77 -16.59
CA LEU A 428 14.85 5.27 -17.93
C LEU A 428 13.34 5.32 -18.17
N LYS A 429 12.57 5.05 -17.14
CA LYS A 429 11.12 5.25 -17.23
C LYS A 429 10.80 6.70 -17.66
N HIS A 430 11.39 7.70 -16.99
CA HIS A 430 11.09 9.08 -17.38
C HIS A 430 11.53 9.41 -18.81
N LEU A 431 12.54 8.68 -19.31
CA LEU A 431 13.02 8.90 -20.69
C LEU A 431 12.14 8.17 -21.71
N GLY A 432 11.24 7.30 -21.26
CA GLY A 432 10.36 6.58 -22.14
C GLY A 432 10.91 5.23 -22.60
N LEU A 433 12.01 4.82 -22.00
CA LEU A 433 12.64 3.55 -22.35
C LEU A 433 12.10 2.40 -21.48
N MET A 434 10.85 2.01 -21.73
CA MET A 434 10.12 1.16 -20.77
C MET A 434 10.70 -0.24 -20.67
N ASP A 435 11.09 -0.80 -21.82
CA ASP A 435 11.66 -2.13 -21.90
C ASP A 435 13.04 -2.17 -21.27
N THR A 436 13.85 -1.16 -21.57
CA THR A 436 15.17 -1.06 -20.97
C THR A 436 15.01 -0.91 -19.45
N ALA A 437 14.06 -0.10 -19.04
CA ALA A 437 13.84 0.15 -17.61
C ALA A 437 13.46 -1.15 -16.92
N ALA A 438 12.56 -1.91 -17.52
CA ALA A 438 12.14 -3.18 -16.94
C ALA A 438 13.29 -4.14 -16.82
N GLY A 439 14.19 -4.11 -17.81
CA GLY A 439 15.34 -5.00 -17.86
C GLY A 439 16.32 -4.76 -16.72
N ILE A 440 16.64 -3.49 -16.44
CA ILE A 440 17.48 -3.11 -15.31
C ILE A 440 16.89 -3.56 -13.97
N LEU A 441 15.59 -3.33 -13.82
CA LEU A 441 14.95 -3.76 -12.60
C LEU A 441 15.08 -5.28 -12.48
N GLU A 442 14.95 -5.98 -13.60
CA GLU A 442 15.04 -7.44 -13.59
C GLU A 442 16.46 -7.89 -13.22
N GLU A 443 17.49 -7.12 -13.57
CA GLU A 443 18.84 -7.43 -13.14
C GLU A 443 18.94 -7.28 -11.64
N GLY A 444 18.32 -6.23 -11.10
CA GLY A 444 18.26 -6.05 -9.65
C GLY A 444 17.55 -7.19 -8.93
N ARG A 445 16.39 -7.56 -9.44
CA ARG A 445 15.59 -8.63 -8.82
C ARG A 445 16.41 -9.91 -8.63
N GLN A 446 17.27 -10.21 -9.59
CA GLN A 446 18.00 -11.47 -9.60
C GLN A 446 19.00 -11.52 -8.44
N LEU A 447 19.41 -10.36 -7.95
CA LEU A 447 20.30 -10.28 -6.79
C LEU A 447 19.61 -10.66 -5.49
N ASP A 448 18.27 -10.57 -5.43
CA ASP A 448 17.53 -10.80 -4.19
C ASP A 448 16.11 -11.39 -4.40
N LEU A 449 16.04 -12.70 -4.51
CA LEU A 449 14.79 -13.41 -4.74
C LEU A 449 13.92 -13.53 -3.49
N GLN A 450 14.44 -13.06 -2.36
CA GLN A 450 13.72 -13.11 -1.09
C GLN A 450 12.74 -11.95 -0.93
N ASP A 451 13.10 -10.83 -1.52
CA ASP A 451 12.42 -9.55 -1.30
C ASP A 451 11.27 -9.32 -2.27
N ARG A 452 10.06 -9.33 -1.74
CA ARG A 452 8.89 -9.15 -2.58
C ARG A 452 8.85 -7.75 -3.21
N PHE A 453 9.43 -6.75 -2.55
CA PHE A 453 9.28 -5.34 -3.01
C PHE A 453 9.93 -5.15 -4.36
N ILE A 454 11.13 -5.69 -4.54
CA ILE A 454 11.81 -5.53 -5.86
C ILE A 454 11.07 -6.37 -6.89
N ASN A 455 10.52 -7.52 -6.47
CA ASN A 455 9.67 -8.31 -7.36
C ASN A 455 8.46 -7.49 -7.83
N CYS A 456 7.77 -6.83 -6.90
CA CYS A 456 6.57 -6.08 -7.26
C CYS A 456 6.92 -4.94 -8.25
N LYS A 457 8.01 -4.24 -7.99
CA LYS A 457 8.35 -3.12 -8.83
C LYS A 457 8.76 -3.62 -10.23
N THR A 458 9.46 -4.77 -10.27
CA THR A 458 9.82 -5.40 -11.54
C THR A 458 8.53 -5.78 -12.28
N VAL A 459 7.58 -6.39 -11.58
CA VAL A 459 6.28 -6.67 -12.19
C VAL A 459 5.64 -5.37 -12.74
N LYS A 460 5.61 -4.31 -11.94
CA LYS A 460 5.01 -3.06 -12.37
C LYS A 460 5.68 -2.54 -13.66
N TYR A 461 7.00 -2.62 -13.74
CA TYR A 461 7.71 -2.07 -14.90
C TYR A 461 7.45 -2.90 -16.15
N PHE A 462 7.33 -4.22 -15.99
CA PHE A 462 7.02 -5.06 -17.15
C PHE A 462 5.61 -4.79 -17.61
N LEU A 463 4.69 -4.47 -16.69
CA LEU A 463 3.32 -4.13 -17.09
C LEU A 463 3.33 -2.80 -17.83
N ARG A 464 4.15 -1.87 -17.37
CA ARG A 464 4.24 -0.58 -18.02
C ARG A 464 4.78 -0.71 -19.45
N ALA A 465 5.61 -1.71 -19.73
CA ALA A 465 6.13 -2.03 -21.08
C ALA A 465 5.18 -2.90 -21.89
N ASN A 466 4.04 -3.24 -21.32
CA ASN A 466 3.02 -4.11 -21.93
C ASN A 466 3.45 -5.55 -22.08
N ASN A 467 4.51 -5.92 -21.37
CA ASN A 467 4.95 -7.28 -21.33
C ASN A 467 4.21 -8.04 -20.24
N ILE A 468 2.98 -8.43 -20.54
CA ILE A 468 2.09 -9.04 -19.54
C ILE A 468 2.57 -10.45 -19.14
N ASP A 469 3.09 -11.20 -20.10
CA ASP A 469 3.53 -12.56 -19.82
C ASP A 469 4.73 -12.62 -18.86
N LYS A 470 5.70 -11.74 -19.05
CA LYS A 470 6.83 -11.71 -18.15
C LYS A 470 6.38 -11.21 -16.77
N ALA A 471 5.56 -10.15 -16.74
CA ALA A 471 5.03 -9.59 -15.49
C ALA A 471 4.36 -10.67 -14.66
N VAL A 472 3.55 -11.50 -15.31
CA VAL A 472 2.80 -12.54 -14.61
C VAL A 472 3.73 -13.65 -14.12
N GLU A 473 4.72 -14.02 -14.92
CA GLU A 473 5.70 -15.03 -14.49
C GLU A 473 6.47 -14.57 -13.25
N VAL A 474 6.98 -13.35 -13.28
CA VAL A 474 7.67 -12.79 -12.13
C VAL A 474 6.76 -12.70 -10.86
N ALA A 475 5.56 -12.15 -11.01
CA ALA A 475 4.60 -12.05 -9.88
C ALA A 475 4.35 -13.40 -9.24
N SER A 476 4.24 -14.43 -10.07
CA SER A 476 3.88 -15.78 -9.64
C SER A 476 4.94 -16.49 -8.80
N LEU A 477 6.13 -15.93 -8.71
CA LEU A 477 7.15 -16.44 -7.79
C LEU A 477 6.77 -16.23 -6.32
N PHE A 478 5.82 -15.33 -6.04
CA PHE A 478 5.46 -14.98 -4.66
C PHE A 478 4.02 -15.38 -4.27
N THR A 479 3.25 -15.86 -5.24
CA THR A 479 1.85 -16.24 -5.00
C THR A 479 1.68 -17.70 -4.60
N LYS A 480 0.64 -17.98 -3.82
CA LYS A 480 0.17 -19.36 -3.66
C LYS A 480 -0.62 -19.73 -4.92
N ASN A 481 0.01 -20.48 -5.81
CA ASN A 481 -0.58 -20.86 -7.09
C ASN A 481 -1.17 -22.24 -7.06
N ASP A 482 -1.47 -22.73 -5.86
CA ASP A 482 -1.63 -24.17 -5.63
C ASP A 482 -2.40 -24.93 -6.72
N ASP A 483 -3.61 -24.47 -7.01
CA ASP A 483 -4.41 -25.06 -8.07
C ASP A 483 -4.61 -24.07 -9.21
N SER A 484 -3.51 -23.78 -9.91
CA SER A 484 -3.50 -22.84 -11.03
C SER A 484 -2.12 -22.82 -11.72
N VAL A 485 -2.09 -22.43 -12.98
CA VAL A 485 -0.83 -22.39 -13.71
C VAL A 485 0.02 -21.19 -13.27
N ASN A 486 -0.60 -20.21 -12.61
CA ASN A 486 0.10 -18.98 -12.23
C ASN A 486 -0.65 -18.26 -11.08
N GLY A 487 -0.32 -16.99 -10.81
CA GLY A 487 -0.79 -16.31 -9.60
C GLY A 487 -1.97 -15.35 -9.75
N ILE A 488 -2.53 -15.30 -10.95
CA ILE A 488 -3.66 -14.40 -11.19
C ILE A 488 -4.77 -14.64 -10.17
N LYS A 489 -5.06 -15.90 -9.87
CA LYS A 489 -6.15 -16.17 -8.94
C LYS A 489 -5.80 -15.73 -7.52
N ASP A 490 -4.57 -16.02 -7.09
CA ASP A 490 -4.13 -15.60 -5.76
C ASP A 490 -4.20 -14.09 -5.60
N LEU A 491 -3.79 -13.38 -6.63
CA LEU A 491 -3.69 -11.94 -6.53
C LEU A 491 -5.10 -11.35 -6.38
N HIS A 492 -6.10 -12.00 -6.98
CA HIS A 492 -7.50 -11.66 -6.76
C HIS A 492 -7.95 -12.02 -5.35
N LEU A 493 -7.58 -13.19 -4.87
CA LEU A 493 -7.94 -13.57 -3.50
C LEU A 493 -7.41 -12.62 -2.43
N VAL A 494 -6.17 -12.15 -2.57
CA VAL A 494 -5.57 -11.23 -1.60
C VAL A 494 -5.82 -9.77 -1.96
N GLU A 495 -6.76 -9.55 -2.89
CA GLU A 495 -7.32 -8.20 -3.10
C GLU A 495 -6.23 -7.23 -3.60
N ALA A 496 -5.34 -7.71 -4.45
CA ALA A 496 -4.19 -6.91 -4.87
C ALA A 496 -4.53 -5.93 -5.97
N SER A 497 -5.17 -4.83 -5.61
CA SER A 497 -5.50 -3.81 -6.59
C SER A 497 -4.25 -3.27 -7.28
N TRP A 498 -3.13 -3.14 -6.58
CA TRP A 498 -1.93 -2.57 -7.23
C TRP A 498 -1.63 -3.28 -8.55
N PHE A 499 -1.65 -4.61 -8.51
CA PHE A 499 -1.34 -5.42 -9.68
C PHE A 499 -2.47 -5.36 -10.71
N ILE A 500 -3.70 -5.46 -10.23
CA ILE A 500 -4.88 -5.65 -11.08
C ILE A 500 -5.17 -4.41 -11.90
N VAL A 501 -5.05 -3.25 -11.27
CA VAL A 501 -5.25 -1.98 -11.97
C VAL A 501 -4.16 -1.80 -13.04
N GLU A 502 -2.89 -2.00 -12.66
CA GLU A 502 -1.77 -1.88 -13.63
C GLU A 502 -1.92 -2.88 -14.79
N GLN A 503 -2.37 -4.08 -14.51
CA GLN A 503 -2.60 -5.03 -15.58
C GLN A 503 -3.78 -4.61 -16.44
N ALA A 504 -4.84 -4.08 -15.84
CA ALA A 504 -5.98 -3.62 -16.60
C ALA A 504 -5.54 -2.57 -17.61
N GLU A 505 -4.70 -1.66 -17.13
CA GLU A 505 -4.22 -0.53 -17.92
C GLU A 505 -3.26 -1.01 -19.03
N ALA A 506 -2.47 -2.03 -18.74
CA ALA A 506 -1.63 -2.61 -19.74
C ALA A 506 -2.48 -3.32 -20.85
N TYR A 507 -3.48 -4.08 -20.48
CA TYR A 507 -4.38 -4.68 -21.48
C TYR A 507 -5.07 -3.60 -22.34
N TYR A 508 -5.41 -2.46 -21.73
CA TYR A 508 -6.09 -1.41 -22.49
C TYR A 508 -5.13 -0.84 -23.51
N ARG A 509 -3.87 -0.63 -23.14
CA ARG A 509 -2.88 -0.15 -24.09
C ARG A 509 -2.68 -1.14 -25.24
N LEU A 510 -2.56 -2.42 -24.91
CA LEU A 510 -2.39 -3.43 -25.92
C LEU A 510 -3.58 -3.41 -26.83
N TYR A 511 -4.76 -3.22 -26.24
CA TYR A 511 -5.99 -3.18 -27.02
C TYR A 511 -5.90 -2.07 -28.07
N LEU A 512 -5.52 -0.87 -27.65
CA LEU A 512 -5.42 0.27 -28.56
C LEU A 512 -4.31 0.08 -29.59
N ASP A 513 -3.18 -0.52 -29.19
CA ASP A 513 -2.15 -0.85 -30.15
C ASP A 513 -2.65 -1.81 -31.22
N ARG A 514 -3.32 -2.89 -30.82
CA ARG A 514 -3.81 -3.89 -31.77
C ARG A 514 -4.98 -3.38 -32.62
N LYS A 515 -5.82 -2.49 -32.09
CA LYS A 515 -6.79 -1.78 -32.89
C LYS A 515 -6.08 -0.93 -33.98
N LYS A 516 -4.91 -0.38 -33.69
CA LYS A 516 -4.18 0.35 -34.72
C LYS A 516 -3.65 -0.62 -35.77
N LYS A 517 -2.97 -1.67 -35.32
CA LYS A 517 -2.37 -2.63 -36.27
C LYS A 517 -3.46 -3.28 -37.09
N LEU A 518 -4.69 -3.26 -36.57
CA LEU A 518 -5.86 -3.78 -37.28
C LEU A 518 -6.35 -2.83 -38.36
N ASP A 519 -6.36 -1.54 -38.09
CA ASP A 519 -6.78 -0.58 -39.10
C ASP A 519 -5.72 -0.40 -40.19
N ASP A 520 -4.45 -0.56 -39.83
CA ASP A 520 -3.38 -0.50 -40.81
C ASP A 520 -3.43 -1.70 -41.73
N LEU A 521 -3.92 -2.83 -41.23
CA LEU A 521 -3.98 -4.04 -42.05
C LEU A 521 -5.08 -3.95 -43.11
N ALA A 522 -6.23 -3.38 -42.76
CA ALA A 522 -7.29 -3.13 -43.74
C ALA A 522 -6.76 -2.27 -44.90
N SER A 523 -6.15 -1.13 -44.59
CA SER A 523 -5.60 -0.22 -45.59
C SER A 523 -4.44 -0.83 -46.39
N LEU A 524 -3.85 -1.90 -45.87
CA LEU A 524 -2.83 -2.66 -46.59
C LEU A 524 -3.50 -3.85 -47.31
N LYS A 525 -4.74 -3.63 -47.74
CA LYS A 525 -5.44 -4.50 -48.69
C LYS A 525 -5.58 -3.77 -50.05
N LYS A 526 -4.51 -3.83 -50.84
CA LYS A 526 -4.35 -3.04 -52.05
C LYS A 526 -3.08 -3.54 -52.73
N GLU A 534 -3.87 -13.23 -50.85
CA GLU A 534 -4.22 -12.37 -49.71
C GLU A 534 -4.49 -13.20 -48.46
N GLN A 535 -3.43 -13.46 -47.68
CA GLN A 535 -3.54 -14.00 -46.33
C GLN A 535 -3.49 -12.85 -45.30
N ILE A 536 -3.53 -11.62 -45.78
CA ILE A 536 -3.69 -10.48 -44.90
C ILE A 536 -4.97 -10.67 -44.10
N ALA A 537 -5.91 -11.44 -44.66
CA ALA A 537 -7.14 -11.79 -43.98
C ALA A 537 -6.90 -12.81 -42.87
N ASN A 538 -5.75 -13.49 -42.92
CA ASN A 538 -5.33 -14.34 -41.81
C ASN A 538 -4.82 -13.46 -40.68
N ASP A 539 -4.03 -12.44 -41.04
CA ASP A 539 -3.48 -11.52 -40.05
C ASP A 539 -4.55 -10.63 -39.40
N ILE A 540 -5.66 -10.34 -40.07
CA ILE A 540 -6.69 -9.53 -39.42
C ILE A 540 -7.58 -10.37 -38.51
N LYS A 541 -7.76 -11.64 -38.85
CA LYS A 541 -8.58 -12.51 -38.03
C LYS A 541 -7.80 -12.85 -36.75
N GLU A 542 -6.47 -12.80 -36.86
CA GLU A 542 -5.60 -13.02 -35.71
C GLU A 542 -5.67 -11.81 -34.81
N ASN A 543 -5.51 -10.65 -35.41
CA ASN A 543 -5.57 -9.39 -34.68
C ASN A 543 -6.95 -9.10 -34.12
N GLN A 544 -7.99 -9.51 -34.83
CA GLN A 544 -9.36 -9.26 -34.38
C GLN A 544 -9.61 -10.04 -33.10
N TRP A 545 -9.04 -11.24 -33.00
CA TRP A 545 -9.15 -11.98 -31.76
C TRP A 545 -8.47 -11.18 -30.65
N LEU A 546 -7.23 -10.76 -30.87
CA LEU A 546 -6.46 -10.00 -29.87
C LEU A 546 -7.15 -8.74 -29.36
N VAL A 547 -7.67 -7.92 -30.28
CA VAL A 547 -8.39 -6.72 -29.94
C VAL A 547 -9.49 -7.07 -28.94
N ARG A 548 -10.21 -8.14 -29.21
CA ARG A 548 -11.29 -8.49 -28.33
C ARG A 548 -10.77 -9.08 -27.03
N LYS A 549 -9.72 -9.90 -27.10
CA LYS A 549 -9.18 -10.56 -25.91
C LYS A 549 -8.65 -9.51 -24.92
N TYR A 550 -7.85 -8.58 -25.43
CA TYR A 550 -7.34 -7.48 -24.61
C TYR A 550 -8.42 -6.48 -24.15
N LYS A 551 -9.38 -6.18 -25.00
CA LYS A 551 -10.44 -5.28 -24.62
C LYS A 551 -11.24 -5.87 -23.45
N GLY A 552 -11.55 -7.16 -23.54
CA GLY A 552 -12.30 -7.84 -22.51
C GLY A 552 -11.54 -8.03 -21.21
N LEU A 553 -10.26 -8.39 -21.30
CA LEU A 553 -9.47 -8.59 -20.10
C LEU A 553 -9.20 -7.24 -19.41
N ALA A 554 -9.01 -6.18 -20.18
CA ALA A 554 -8.93 -4.88 -19.57
C ALA A 554 -10.18 -4.66 -18.74
N LEU A 555 -11.35 -4.84 -19.35
CA LEU A 555 -12.58 -4.52 -18.62
C LEU A 555 -12.84 -5.47 -17.44
N LYS A 556 -12.50 -6.74 -17.61
CA LYS A 556 -12.68 -7.70 -16.52
C LYS A 556 -11.76 -7.39 -15.31
N ARG A 557 -10.50 -7.08 -15.60
CA ARG A 557 -9.54 -6.72 -14.56
C ARG A 557 -10.00 -5.48 -13.82
N PHE A 558 -10.47 -4.45 -14.55
CA PHE A 558 -10.99 -3.26 -13.86
C PHE A 558 -12.20 -3.57 -13.02
N ASN A 559 -13.07 -4.48 -13.46
CA ASN A 559 -14.27 -4.85 -12.70
C ASN A 559 -13.95 -5.65 -11.43
N ALA A 560 -12.70 -6.06 -11.30
CA ALA A 560 -12.28 -6.76 -10.11
C ALA A 560 -12.29 -5.80 -8.93
N ILE A 561 -12.09 -4.51 -9.20
CA ILE A 561 -11.86 -3.55 -8.11
C ILE A 561 -13.14 -3.26 -7.34
N PRO A 562 -14.23 -2.89 -8.04
CA PRO A 562 -15.52 -2.69 -7.36
C PRO A 562 -15.92 -3.89 -6.54
N LYS A 563 -15.61 -5.09 -7.01
CA LYS A 563 -15.90 -6.29 -6.24
C LYS A 563 -15.18 -6.33 -4.89
N PHE A 564 -13.91 -5.91 -4.87
CA PHE A 564 -13.15 -5.82 -3.62
C PHE A 564 -13.83 -4.85 -2.67
N TYR A 565 -14.20 -3.69 -3.20
CA TYR A 565 -14.66 -2.60 -2.35
C TYR A 565 -16.04 -2.86 -1.82
N LYS A 566 -16.88 -3.56 -2.59
CA LYS A 566 -18.18 -4.05 -2.05
C LYS A 566 -17.98 -5.09 -0.95
N GLN A 567 -16.96 -5.93 -1.08
CA GLN A 567 -16.65 -6.86 -0.02
C GLN A 567 -16.18 -6.07 1.23
N PHE A 568 -15.44 -4.98 1.05
CA PHE A 568 -15.01 -4.19 2.22
C PHE A 568 -16.22 -3.60 2.95
N GLU A 569 -17.21 -3.15 2.18
CA GLU A 569 -18.47 -2.68 2.77
C GLU A 569 -19.16 -3.83 3.52
N ASP A 570 -19.31 -4.97 2.88
CA ASP A 570 -19.93 -6.12 3.54
C ASP A 570 -19.17 -6.54 4.79
N ASP A 571 -17.84 -6.38 4.76
CA ASP A 571 -16.97 -6.75 5.91
C ASP A 571 -17.33 -6.06 7.25
N GLN A 572 -18.06 -4.96 7.18
CA GLN A 572 -18.44 -4.22 8.37
C GLN A 572 -19.45 -5.02 9.23
N LEU A 573 -20.10 -6.01 8.62
CA LEU A 573 -21.32 -6.59 9.16
C LEU A 573 -21.11 -7.09 10.57
N ASP A 574 -20.01 -7.81 10.77
CA ASP A 574 -19.76 -8.46 12.04
C ASP A 574 -19.46 -7.43 13.09
N PHE A 575 -19.07 -6.24 12.68
CA PHE A 575 -18.52 -5.33 13.68
C PHE A 575 -19.59 -4.57 14.43
N HIS A 576 -20.80 -4.51 13.88
CA HIS A 576 -21.91 -3.86 14.58
C HIS A 576 -22.20 -4.52 15.94
N SER A 577 -21.81 -5.76 16.09
CA SER A 577 -21.95 -6.44 17.38
C SER A 577 -20.58 -6.65 18.05
N TYR A 578 -19.58 -7.04 17.26
CA TYR A 578 -18.25 -7.34 17.77
C TYR A 578 -17.60 -6.16 18.51
N CYS A 579 -17.68 -4.95 17.93
CA CYS A 579 -17.08 -3.79 18.58
C CYS A 579 -17.76 -3.49 19.94
N MET A 580 -19.04 -3.81 20.05
CA MET A 580 -19.81 -3.51 21.27
C MET A 580 -19.36 -4.45 22.37
N ARG A 581 -19.22 -5.72 21.99
CA ARG A 581 -18.73 -6.76 22.87
C ARG A 581 -17.31 -6.48 23.28
N LYS A 582 -16.49 -6.07 22.31
CA LYS A 582 -15.07 -5.86 22.58
C LYS A 582 -14.82 -4.54 23.34
N GLY A 583 -15.77 -3.61 23.28
CA GLY A 583 -15.63 -2.36 24.01
C GLY A 583 -14.86 -1.26 23.27
N THR A 584 -14.96 -1.18 21.94
CA THR A 584 -14.23 -0.17 21.18
C THR A 584 -15.17 0.77 20.38
N PRO A 585 -16.08 1.44 21.10
CA PRO A 585 -17.07 2.29 20.41
C PRO A 585 -16.44 3.46 19.61
N ARG A 586 -15.35 4.07 20.07
CA ARG A 586 -14.80 5.17 19.29
C ARG A 586 -14.31 4.69 17.93
N ALA A 587 -13.62 3.54 17.90
CA ALA A 587 -13.17 2.93 16.66
C ALA A 587 -14.33 2.49 15.77
N TYR A 588 -15.38 1.94 16.38
CA TYR A 588 -16.57 1.58 15.64
C TYR A 588 -17.14 2.75 14.84
N LEU A 589 -17.23 3.93 15.44
CA LEU A 589 -17.80 5.06 14.72
C LEU A 589 -16.87 5.50 13.57
N GLU A 590 -15.56 5.30 13.77
CA GLU A 590 -14.62 5.56 12.70
C GLU A 590 -14.79 4.56 11.56
N MET A 591 -15.14 3.32 11.86
CA MET A 591 -15.44 2.35 10.81
C MET A 591 -16.62 2.81 9.99
N LEU A 592 -17.67 3.35 10.65
CA LEU A 592 -18.87 3.80 9.91
C LEU A 592 -18.52 4.83 8.84
N GLU A 593 -17.67 5.79 9.25
CA GLU A 593 -17.21 6.87 8.38
C GLU A 593 -16.36 6.30 7.26
N TRP A 594 -15.46 5.36 7.58
CA TRP A 594 -14.69 4.66 6.52
C TRP A 594 -15.65 4.00 5.49
N GLY A 595 -16.66 3.26 5.96
CA GLY A 595 -17.58 2.60 5.04
C GLY A 595 -18.30 3.58 4.11
N LYS A 596 -18.62 4.76 4.60
CA LYS A 596 -19.32 5.75 3.81
C LYS A 596 -18.36 6.50 2.86
N ALA A 597 -17.09 6.07 2.81
CA ALA A 597 -16.13 6.65 1.89
C ALA A 597 -15.42 5.61 1.04
N LEU A 598 -15.84 4.36 1.09
CA LEU A 598 -15.12 3.29 0.39
C LEU A 598 -15.01 3.50 -1.09
N TYR A 599 -16.10 3.98 -1.68
CA TYR A 599 -16.22 4.12 -3.14
C TYR A 599 -15.62 5.44 -3.63
N THR A 600 -14.83 6.09 -2.76
CA THR A 600 -14.13 7.31 -3.11
C THR A 600 -12.63 7.14 -2.95
N LYS A 601 -12.19 5.96 -2.54
CA LYS A 601 -10.76 5.71 -2.31
C LYS A 601 -9.98 5.64 -3.63
N PRO A 602 -8.67 5.97 -3.60
CA PRO A 602 -7.91 6.20 -4.83
C PRO A 602 -7.90 5.07 -5.85
N MET A 603 -7.75 3.83 -5.44
CA MET A 603 -7.71 2.74 -6.40
C MET A 603 -9.09 2.37 -6.98
N TYR A 604 -10.14 2.57 -6.20
CA TYR A 604 -11.50 2.51 -6.72
C TYR A 604 -11.73 3.60 -7.79
N VAL A 605 -11.36 4.83 -7.47
CA VAL A 605 -11.60 5.95 -8.39
C VAL A 605 -10.76 5.76 -9.66
N ARG A 606 -9.54 5.25 -9.48
CA ARG A 606 -8.68 4.95 -10.63
C ARG A 606 -9.29 3.92 -11.57
N ALA A 607 -9.80 2.82 -11.02
CA ALA A 607 -10.39 1.77 -11.83
C ALA A 607 -11.65 2.28 -12.56
N MET A 608 -12.44 3.06 -11.84
CA MET A 608 -13.64 3.67 -12.37
C MET A 608 -13.29 4.62 -13.51
N LYS A 609 -12.39 5.55 -13.25
CA LYS A 609 -12.04 6.55 -14.26
C LYS A 609 -11.51 5.89 -15.54
N GLU A 610 -10.64 4.90 -15.39
CA GLU A 610 -10.04 4.21 -16.55
C GLU A 610 -11.06 3.30 -17.27
N ALA A 611 -11.89 2.61 -16.49
CA ALA A 611 -12.90 1.74 -17.10
C ALA A 611 -13.88 2.56 -17.92
N SER A 612 -14.08 3.81 -17.55
CA SER A 612 -15.07 4.64 -18.21
C SER A 612 -14.67 4.82 -19.66
N LYS A 613 -13.37 4.83 -19.92
CA LYS A 613 -12.87 4.88 -21.30
C LYS A 613 -13.48 3.76 -22.16
N LEU A 614 -13.52 2.54 -21.63
CA LEU A 614 -14.12 1.41 -22.35
C LEU A 614 -15.65 1.56 -22.48
N TYR A 615 -16.36 1.88 -21.40
CA TYR A 615 -17.82 1.99 -21.48
C TYR A 615 -18.21 3.13 -22.37
N PHE A 616 -17.55 4.27 -22.23
CA PHE A 616 -17.93 5.44 -22.99
C PHE A 616 -17.76 5.14 -24.51
N GLN A 617 -16.62 4.59 -24.91
CA GLN A 617 -16.37 4.17 -26.31
CA GLN A 617 -16.43 4.26 -26.32
C GLN A 617 -17.37 3.14 -26.79
N MET A 618 -17.77 2.22 -25.93
CA MET A 618 -18.70 1.20 -26.36
C MET A 618 -20.03 1.87 -26.65
N HIS A 619 -20.30 2.97 -25.98
CA HIS A 619 -21.56 3.65 -26.18
C HIS A 619 -21.46 4.42 -27.47
N ASP A 620 -20.37 5.14 -27.64
CA ASP A 620 -20.17 5.95 -28.84
C ASP A 620 -20.19 5.10 -30.10
N ASP A 621 -19.58 3.92 -30.03
CA ASP A 621 -19.53 2.98 -31.15
C ASP A 621 -20.90 2.38 -31.50
N ARG A 622 -21.71 2.09 -30.50
CA ARG A 622 -23.04 1.56 -30.75
C ARG A 622 -23.98 2.65 -31.27
N LEU A 623 -23.46 3.87 -31.36
CA LEU A 623 -24.16 5.01 -31.96
C LEU A 623 -23.62 5.34 -33.37
N LYS A 624 -22.57 4.64 -33.80
CA LYS A 624 -22.08 4.73 -35.19
C LYS A 624 -22.39 3.42 -35.92
N LYS A 660 -12.29 -22.09 -30.06
CA LYS A 660 -11.11 -22.83 -30.54
C LYS A 660 -10.12 -23.16 -29.39
N ARG A 661 -8.83 -23.21 -29.70
CA ARG A 661 -7.79 -23.54 -28.70
C ARG A 661 -7.52 -22.40 -27.72
N LYS A 662 -8.50 -21.52 -27.55
CA LYS A 662 -8.53 -20.58 -26.43
C LYS A 662 -8.51 -21.38 -25.13
N GLU A 663 -9.13 -22.57 -25.15
CA GLU A 663 -9.19 -23.46 -23.98
C GLU A 663 -7.86 -23.54 -23.25
N THR A 664 -6.78 -23.35 -23.99
CA THR A 664 -5.44 -23.33 -23.44
C THR A 664 -5.15 -22.01 -22.71
N GLU A 665 -5.45 -20.91 -23.39
CA GLU A 665 -5.20 -19.58 -22.84
C GLU A 665 -6.15 -19.33 -21.68
N ALA A 666 -7.38 -19.81 -21.80
CA ALA A 666 -8.40 -19.62 -20.78
C ALA A 666 -7.83 -19.82 -19.38
N LYS A 667 -7.01 -20.85 -19.20
CA LYS A 667 -6.49 -21.21 -17.89
C LYS A 667 -5.43 -20.23 -17.38
N SER A 668 -4.69 -19.64 -18.29
CA SER A 668 -3.60 -18.75 -17.87
C SER A 668 -4.11 -17.36 -17.44
N VAL A 669 -5.34 -17.03 -17.78
CA VAL A 669 -5.89 -15.71 -17.46
C VAL A 669 -7.11 -15.75 -16.53
N ALA A 670 -7.55 -16.95 -16.14
CA ALA A 670 -8.70 -17.04 -15.24
C ALA A 670 -8.36 -16.38 -13.89
N ALA A 671 -9.34 -15.68 -13.34
CA ALA A 671 -9.18 -14.82 -12.18
C ALA A 671 -9.87 -15.44 -11.01
N TYR A 672 -10.98 -16.09 -11.29
CA TYR A 672 -11.82 -16.67 -10.25
C TYR A 672 -12.00 -18.17 -10.45
N PRO A 673 -12.48 -18.86 -9.42
CA PRO A 673 -12.82 -20.29 -9.53
C PRO A 673 -13.72 -20.59 -10.72
N SER A 674 -13.45 -21.70 -11.41
CA SER A 674 -14.24 -22.16 -12.56
C SER A 674 -15.74 -21.95 -12.39
N ASP A 675 -16.27 -22.32 -11.23
CA ASP A 675 -17.72 -22.29 -11.00
C ASP A 675 -18.30 -20.87 -11.01
N GLN A 676 -17.68 -19.97 -10.24
CA GLN A 676 -18.15 -18.59 -10.13
C GLN A 676 -18.14 -17.79 -11.47
N ASP A 677 -17.40 -18.27 -12.46
CA ASP A 677 -17.14 -17.44 -13.64
C ASP A 677 -16.76 -18.28 -14.85
N ASN A 678 -17.47 -18.05 -15.96
CA ASN A 678 -17.24 -18.72 -17.24
C ASN A 678 -16.81 -17.72 -18.32
N ASP A 679 -17.07 -16.45 -18.04
CA ASP A 679 -16.66 -15.35 -18.92
C ASP A 679 -15.22 -14.91 -18.62
N VAL A 680 -14.26 -15.83 -18.82
CA VAL A 680 -12.86 -15.66 -18.46
C VAL A 680 -12.17 -14.53 -19.23
N PHE A 681 -12.61 -14.32 -20.46
CA PHE A 681 -12.02 -13.29 -21.30
C PHE A 681 -12.84 -11.98 -21.29
N GLY A 682 -13.88 -11.91 -20.46
CA GLY A 682 -14.74 -10.72 -20.39
C GLY A 682 -15.56 -10.40 -21.65
N GLU A 683 -15.90 -11.43 -22.43
CA GLU A 683 -16.65 -11.25 -23.67
C GLU A 683 -18.04 -10.69 -23.41
N LYS A 684 -18.70 -11.18 -22.37
CA LYS A 684 -20.01 -10.64 -22.04
C LYS A 684 -19.94 -9.16 -21.68
N LEU A 685 -18.83 -8.70 -21.10
CA LEU A 685 -18.74 -7.28 -20.71
C LEU A 685 -18.60 -6.36 -21.90
N ILE A 686 -17.86 -6.83 -22.92
CA ILE A 686 -17.62 -6.01 -24.12
C ILE A 686 -18.75 -6.13 -25.16
N GLU A 687 -19.61 -7.13 -25.01
CA GLU A 687 -20.74 -7.31 -25.94
C GLU A 687 -22.01 -6.67 -25.42
N THR A 688 -21.90 -5.86 -24.38
CA THR A 688 -23.08 -5.34 -23.72
C THR A 688 -23.88 -4.39 -24.61
N SER A 689 -25.21 -4.48 -24.47
CA SER A 689 -26.12 -3.57 -25.15
C SER A 689 -26.36 -2.32 -24.29
N THR A 690 -25.89 -2.35 -23.05
CA THR A 690 -26.11 -1.26 -22.11
C THR A 690 -24.81 -0.82 -21.40
N PRO A 691 -23.82 -0.33 -22.16
CA PRO A 691 -22.51 -0.02 -21.59
C PRO A 691 -22.60 1.04 -20.51
N MET A 692 -23.37 2.10 -20.76
CA MET A 692 -23.58 3.15 -19.77
C MET A 692 -24.25 2.73 -18.48
N GLU A 693 -25.23 1.83 -18.57
CA GLU A 693 -25.91 1.40 -17.37
C GLU A 693 -25.00 0.48 -16.59
N ASP A 694 -24.21 -0.29 -17.33
CA ASP A 694 -23.16 -1.13 -16.74
C ASP A 694 -22.08 -0.33 -15.99
N PHE A 695 -21.66 0.80 -16.55
CA PHE A 695 -20.72 1.67 -15.87
C PHE A 695 -21.39 2.20 -14.59
N ALA A 696 -22.68 2.51 -14.70
CA ALA A 696 -23.37 3.08 -13.55
C ALA A 696 -23.54 2.05 -12.44
N THR A 697 -24.00 0.86 -12.77
CA THR A 697 -24.24 -0.12 -11.73
C THR A 697 -22.95 -0.72 -11.17
N GLU A 698 -21.94 -0.92 -12.01
CA GLU A 698 -20.70 -1.53 -11.54
C GLU A 698 -19.72 -0.55 -10.85
N PHE A 699 -19.73 0.74 -11.21
CA PHE A 699 -18.70 1.67 -10.70
C PHE A 699 -19.28 2.98 -10.23
N TYR A 700 -20.05 3.65 -11.09
CA TYR A 700 -20.30 5.07 -10.89
C TYR A 700 -21.33 5.42 -9.80
N ASN A 701 -22.41 4.65 -9.68
CA ASN A 701 -23.46 5.08 -8.74
C ASN A 701 -22.97 5.12 -7.30
N ASN A 702 -22.20 4.11 -6.91
CA ASN A 702 -21.72 4.06 -5.54
C ASN A 702 -20.73 5.16 -5.24
N TYR A 703 -19.86 5.44 -6.20
CA TYR A 703 -18.91 6.53 -6.08
C TYR A 703 -19.66 7.83 -5.92
N SER A 704 -20.67 8.00 -6.75
CA SER A 704 -21.41 9.24 -6.82
C SER A 704 -22.29 9.53 -5.60
N MET A 705 -22.84 8.49 -5.00
CA MET A 705 -23.62 8.73 -3.78
C MET A 705 -22.73 9.10 -2.58
N GLN A 706 -21.45 8.75 -2.64
CA GLN A 706 -20.55 8.98 -1.48
C GLN A 706 -19.60 10.17 -1.64
N VAL A 707 -19.25 10.53 -2.86
CA VAL A 707 -18.13 11.46 -3.01
C VAL A 707 -18.49 12.87 -2.49
N ARG A 708 -17.53 13.53 -1.85
CA ARG A 708 -17.68 14.91 -1.38
C ARG A 708 -17.64 15.88 -2.54
N GLU A 709 -18.38 17.00 -2.42
CA GLU A 709 -18.40 17.99 -3.48
C GLU A 709 -16.99 18.51 -3.74
N ASP A 710 -16.15 18.59 -2.70
CA ASP A 710 -14.80 19.15 -2.86
C ASP A 710 -13.76 18.14 -3.41
N GLU A 711 -14.19 16.94 -3.78
CA GLU A 711 -13.29 15.97 -4.42
C GLU A 711 -13.94 15.39 -5.69
N ARG A 712 -15.18 15.77 -5.93
CA ARG A 712 -15.95 15.22 -7.03
C ARG A 712 -15.26 15.50 -8.38
N ASP A 713 -15.20 14.50 -9.26
CA ASP A 713 -14.64 14.72 -10.59
C ASP A 713 -15.75 15.18 -11.53
N TYR A 714 -15.89 16.47 -11.70
CA TYR A 714 -16.95 17.02 -12.52
C TYR A 714 -16.82 16.70 -13.99
N ILE A 715 -15.61 16.40 -14.44
CA ILE A 715 -15.37 16.12 -15.85
C ILE A 715 -15.98 14.75 -16.12
N LEU A 716 -15.79 13.83 -15.17
CA LEU A 716 -16.38 12.48 -15.30
C LEU A 716 -17.89 12.61 -15.32
N ASP A 717 -18.37 13.50 -14.48
CA ASP A 717 -19.77 13.77 -14.33
C ASP A 717 -20.34 14.22 -15.68
N PHE A 718 -19.65 15.20 -16.25
CA PHE A 718 -20.02 15.78 -17.52
C PHE A 718 -20.06 14.70 -18.59
N GLU A 719 -18.99 13.92 -18.67
CA GLU A 719 -18.86 13.00 -19.77
C GLU A 719 -19.82 11.83 -19.64
N PHE A 720 -20.17 11.48 -18.41
CA PHE A 720 -21.14 10.43 -18.17
C PHE A 720 -22.56 10.89 -18.54
N ASN A 721 -22.94 12.06 -18.07
CA ASN A 721 -24.30 12.55 -18.33
C ASN A 721 -24.53 12.90 -19.80
N TYR A 722 -23.50 13.41 -20.46
CA TYR A 722 -23.53 13.70 -21.88
C TYR A 722 -23.98 12.50 -22.69
N ARG A 723 -23.70 11.30 -22.21
CA ARG A 723 -23.93 10.08 -22.98
C ARG A 723 -25.25 9.41 -22.57
N ILE A 724 -25.91 9.93 -21.54
CA ILE A 724 -27.26 9.49 -21.23
C ILE A 724 -28.29 10.61 -21.46
N GLY A 725 -27.88 11.64 -22.17
CA GLY A 725 -28.81 12.65 -22.67
C GLY A 725 -29.15 13.75 -21.69
N LYS A 726 -28.50 13.74 -20.54
CA LYS A 726 -28.83 14.67 -19.47
C LYS A 726 -28.01 15.94 -19.49
N LEU A 727 -28.23 16.74 -20.53
CA LEU A 727 -27.42 17.93 -20.78
C LEU A 727 -27.50 18.94 -19.66
N ALA A 728 -28.54 18.86 -18.83
CA ALA A 728 -28.69 19.83 -17.75
C ALA A 728 -27.77 19.45 -16.59
N LEU A 729 -27.57 18.16 -16.39
CA LEU A 729 -26.55 17.70 -15.42
C LEU A 729 -25.15 18.02 -15.96
N CYS A 730 -24.95 17.91 -17.28
CA CYS A 730 -23.69 18.37 -17.85
C CYS A 730 -23.49 19.83 -17.50
N PHE A 731 -24.54 20.65 -17.62
CA PHE A 731 -24.35 22.09 -17.32
C PHE A 731 -24.06 22.29 -15.85
N ALA A 732 -24.71 21.51 -15.01
CA ALA A 732 -24.51 21.62 -13.56
C ALA A 732 -23.06 21.27 -13.19
N SER A 733 -22.53 20.19 -13.79
CA SER A 733 -21.12 19.80 -13.59
C SER A 733 -20.17 20.87 -14.08
N LEU A 734 -20.42 21.39 -15.29
CA LEU A 734 -19.64 22.51 -15.79
C LEU A 734 -19.69 23.70 -14.86
N ASN A 735 -20.87 23.98 -14.33
CA ASN A 735 -21.01 25.19 -13.51
C ASN A 735 -20.24 25.05 -12.21
N LYS A 736 -20.37 23.88 -11.58
CA LYS A 736 -19.68 23.63 -10.34
C LYS A 736 -18.16 23.55 -10.53
N PHE A 737 -17.71 22.98 -11.64
CA PHE A 737 -16.27 22.98 -11.96
C PHE A 737 -15.73 24.41 -11.95
N ALA A 738 -16.46 25.33 -12.60
CA ALA A 738 -16.02 26.73 -12.74
C ALA A 738 -15.97 27.47 -11.40
N LYS A 739 -16.95 27.19 -10.54
CA LYS A 739 -16.98 27.76 -9.21
C LYS A 739 -15.70 27.40 -8.45
N ARG A 740 -15.20 26.18 -8.67
CA ARG A 740 -14.00 25.72 -7.98
C ARG A 740 -12.69 26.10 -8.66
N PHE A 741 -12.62 25.95 -9.98
CA PHE A 741 -11.35 26.17 -10.68
C PHE A 741 -11.34 27.47 -11.49
N GLY A 742 -12.48 28.15 -11.53
CA GLY A 742 -12.58 29.42 -12.23
C GLY A 742 -12.74 29.22 -13.71
N THR A 743 -12.95 30.34 -14.42
CA THR A 743 -13.33 30.30 -15.82
C THR A 743 -12.17 30.49 -16.81
N THR A 744 -10.93 30.45 -16.31
CA THR A 744 -9.73 30.53 -17.14
C THR A 744 -9.16 29.15 -17.47
N SER A 745 -9.67 28.12 -16.82
CA SER A 745 -9.24 26.76 -17.05
C SER A 745 -9.62 26.28 -18.45
N GLY A 746 -8.65 25.73 -19.17
CA GLY A 746 -8.91 25.16 -20.48
C GLY A 746 -9.94 24.04 -20.44
N LEU A 747 -9.96 23.29 -19.34
CA LEU A 747 -10.95 22.22 -19.20
C LEU A 747 -12.35 22.81 -19.07
N PHE A 748 -12.46 23.94 -18.38
CA PHE A 748 -13.74 24.61 -18.29
C PHE A 748 -14.14 25.05 -19.72
N GLY A 749 -13.19 25.66 -20.41
CA GLY A 749 -13.44 26.15 -21.76
C GLY A 749 -13.89 25.05 -22.68
N SER A 750 -13.26 23.89 -22.61
CA SER A 750 -13.56 22.86 -23.57
C SER A 750 -14.87 22.17 -23.25
N MET A 751 -15.17 22.03 -21.97
CA MET A 751 -16.45 21.46 -21.63
C MET A 751 -17.59 22.38 -22.11
N ALA A 752 -17.37 23.68 -21.98
CA ALA A 752 -18.38 24.66 -22.40
C ALA A 752 -18.61 24.56 -23.91
N ILE A 753 -17.53 24.45 -24.69
CA ILE A 753 -17.65 24.45 -26.13
C ILE A 753 -18.33 23.18 -26.58
N VAL A 754 -18.07 22.08 -25.88
CA VAL A 754 -18.67 20.80 -26.27
C VAL A 754 -20.18 20.85 -25.98
N LEU A 755 -20.54 21.50 -24.88
CA LEU A 755 -21.92 21.52 -24.42
C LEU A 755 -22.74 22.46 -25.30
N LEU A 756 -22.17 23.61 -25.60
CA LEU A 756 -22.73 24.56 -26.56
C LEU A 756 -23.01 23.83 -27.87
N HIS A 757 -22.01 23.15 -28.42
CA HIS A 757 -22.22 22.37 -29.65
C HIS A 757 -23.40 21.36 -29.50
N ALA A 758 -23.70 20.91 -28.28
CA ALA A 758 -24.78 19.93 -28.10
C ALA A 758 -26.18 20.59 -28.19
N THR A 759 -26.27 21.89 -27.88
CA THR A 759 -27.53 22.63 -27.99
C THR A 759 -27.88 22.98 -29.43
N ARG A 760 -27.08 22.51 -30.39
CA ARG A 760 -27.37 22.70 -31.82
C ARG A 760 -28.60 21.91 -32.24
N ASN A 761 -29.49 22.59 -32.97
CA ASN A 761 -30.78 22.02 -33.39
C ASN A 761 -30.66 20.70 -34.17
N ASP A 762 -29.49 20.47 -34.77
CA ASP A 762 -29.24 19.25 -35.56
C ASP A 762 -28.91 18.00 -34.67
N THR A 763 -28.42 18.24 -33.46
CA THR A 763 -27.85 17.19 -32.60
C THR A 763 -28.92 16.28 -31.99
N PRO A 764 -28.54 15.00 -31.71
CA PRO A 764 -29.47 13.98 -31.22
C PRO A 764 -29.72 14.07 -29.71
N PHE A 765 -30.04 15.27 -29.24
CA PHE A 765 -30.47 15.46 -27.85
C PHE A 765 -31.89 16.01 -27.83
N ASP A 766 -32.51 15.96 -26.66
CA ASP A 766 -33.87 16.46 -26.46
C ASP A 766 -33.88 17.99 -26.61
N PRO A 767 -34.72 18.53 -27.55
CA PRO A 767 -34.84 19.98 -27.82
C PRO A 767 -35.17 20.81 -26.58
N ILE A 768 -35.92 20.22 -25.66
CA ILE A 768 -36.28 20.89 -24.42
C ILE A 768 -35.03 21.14 -23.59
N LEU A 769 -34.06 20.23 -23.69
CA LEU A 769 -32.80 20.35 -22.96
C LEU A 769 -31.87 21.39 -23.64
N LYS A 770 -31.76 21.29 -24.96
CA LYS A 770 -30.95 22.23 -25.73
C LYS A 770 -31.37 23.67 -25.45
N LYS A 771 -32.68 23.84 -25.21
CA LYS A 771 -33.26 25.15 -24.91
C LYS A 771 -32.91 25.63 -23.49
N VAL A 772 -33.25 24.82 -22.49
CA VAL A 772 -32.93 25.17 -21.09
C VAL A 772 -31.43 25.41 -20.90
N VAL A 773 -30.61 24.55 -21.51
CA VAL A 773 -29.15 24.66 -21.38
C VAL A 773 -28.64 25.94 -22.07
N THR A 774 -29.20 26.25 -23.24
CA THR A 774 -28.82 27.47 -23.95
C THR A 774 -29.01 28.68 -23.05
N LYS A 775 -30.08 28.66 -22.24
CA LYS A 775 -30.37 29.78 -21.35
C LYS A 775 -29.43 29.83 -20.14
N SER A 776 -29.16 28.66 -19.53
CA SER A 776 -28.21 28.63 -18.42
C SER A 776 -26.85 29.13 -18.90
N LEU A 777 -26.44 28.71 -20.10
CA LEU A 777 -25.15 29.20 -20.66
C LEU A 777 -25.17 30.71 -20.88
N GLU A 778 -26.33 31.24 -21.27
CA GLU A 778 -26.51 32.67 -21.45
C GLU A 778 -26.53 33.33 -20.09
N LYS A 779 -27.29 32.74 -19.17
CA LYS A 779 -27.39 33.30 -17.83
C LYS A 779 -26.01 33.46 -17.20
N GLU A 780 -25.16 32.45 -17.35
CA GLU A 780 -23.90 32.40 -16.63
C GLU A 780 -22.69 32.86 -17.43
N TYR A 781 -22.64 32.51 -18.71
CA TYR A 781 -21.36 32.58 -19.43
C TYR A 781 -21.39 33.41 -20.72
N SER A 782 -22.29 34.38 -20.75
CA SER A 782 -22.44 35.21 -21.95
C SER A 782 -21.20 36.01 -22.26
N GLU A 783 -20.46 36.40 -21.22
CA GLU A 783 -19.27 37.23 -21.35
C GLU A 783 -17.97 36.41 -21.41
N ASN A 784 -18.10 35.08 -21.49
CA ASN A 784 -16.95 34.18 -21.52
C ASN A 784 -16.81 33.54 -22.91
N PHE A 785 -17.96 33.33 -23.54
CA PHE A 785 -18.06 32.63 -24.84
C PHE A 785 -18.96 33.43 -25.80
N PRO A 786 -18.62 33.45 -27.11
CA PRO A 786 -19.53 34.02 -28.13
C PRO A 786 -20.70 33.08 -28.45
N LEU A 787 -21.67 33.01 -27.54
CA LEU A 787 -22.69 31.96 -27.63
C LEU A 787 -23.48 32.01 -28.92
N ASN A 788 -23.66 33.22 -29.43
CA ASN A 788 -24.41 33.47 -30.65
C ASN A 788 -23.76 32.87 -31.89
N GLU A 789 -22.59 32.28 -31.73
CA GLU A 789 -21.69 32.05 -32.84
C GLU A 789 -21.68 30.61 -33.31
N ILE A 790 -22.50 29.76 -32.66
CA ILE A 790 -22.68 28.37 -33.14
C ILE A 790 -23.40 28.26 -34.47
N SER A 791 -23.89 29.38 -35.01
CA SER A 791 -24.62 29.39 -36.26
C SER A 791 -23.73 29.82 -37.46
N ASN A 792 -22.52 30.24 -37.14
CA ASN A 792 -21.59 30.72 -38.15
C ASN A 792 -20.58 29.62 -38.47
N ASN A 793 -20.76 28.93 -39.60
CA ASN A 793 -19.85 27.83 -39.98
C ASN A 793 -18.40 28.27 -40.11
N SER A 794 -18.18 29.56 -40.14
CA SER A 794 -16.87 30.11 -40.37
C SER A 794 -16.18 30.48 -39.07
N PHE A 795 -16.90 30.40 -37.95
CA PHE A 795 -16.31 30.80 -36.67
C PHE A 795 -15.33 29.73 -36.13
N ASP A 796 -14.16 30.21 -35.77
CA ASP A 796 -13.02 29.35 -35.50
C ASP A 796 -12.95 29.09 -34.00
N TRP A 797 -13.65 28.05 -33.57
CA TRP A 797 -13.71 27.70 -32.15
C TRP A 797 -12.33 27.38 -31.61
N LEU A 798 -11.52 26.71 -32.42
CA LEU A 798 -10.16 26.34 -32.00
C LEU A 798 -9.30 27.57 -31.78
N ASN A 799 -9.44 28.55 -32.66
CA ASN A 799 -8.70 29.80 -32.50
C ASN A 799 -9.14 30.56 -31.24
N PHE A 800 -10.46 30.68 -31.03
CA PHE A 800 -10.98 31.31 -29.83
C PHE A 800 -10.43 30.63 -28.58
N TYR A 801 -10.49 29.29 -28.56
CA TYR A 801 -9.92 28.50 -27.48
C TYR A 801 -8.47 28.89 -27.15
N GLN A 802 -7.60 28.95 -28.15
CA GLN A 802 -6.18 29.25 -27.87
C GLN A 802 -6.00 30.71 -27.42
N GLU A 803 -6.72 31.66 -28.02
CA GLU A 803 -6.69 33.03 -27.52
C GLU A 803 -6.99 33.11 -26.02
N LYS A 804 -8.07 32.47 -25.57
CA LYS A 804 -8.51 32.54 -24.17
C LYS A 804 -7.73 31.65 -23.20
N PHE A 805 -7.44 30.41 -23.60
CA PHE A 805 -6.89 29.42 -22.70
C PHE A 805 -5.45 29.04 -23.06
N GLY A 806 -4.90 29.68 -24.08
CA GLY A 806 -3.55 29.39 -24.51
C GLY A 806 -3.41 28.06 -25.21
N LYS A 807 -2.33 27.92 -25.97
CA LYS A 807 -2.11 26.72 -26.78
C LYS A 807 -1.31 25.64 -26.04
N ASN A 808 -0.92 25.91 -24.80
CA ASN A 808 -0.18 24.92 -24.00
C ASN A 808 -1.08 24.20 -22.98
N ASP A 809 -2.34 24.61 -22.89
CA ASP A 809 -3.26 23.92 -21.98
C ASP A 809 -3.64 22.56 -22.56
N ILE A 810 -2.78 21.60 -22.30
CA ILE A 810 -2.78 20.33 -23.01
C ILE A 810 -4.09 19.64 -22.75
N ASN A 811 -4.50 19.59 -21.49
CA ASN A 811 -5.64 18.77 -21.09
C ASN A 811 -6.92 19.26 -21.70
N GLY A 812 -7.02 20.58 -21.86
CA GLY A 812 -8.17 21.17 -22.51
C GLY A 812 -8.23 20.86 -24.00
N LEU A 813 -7.08 20.88 -24.65
CA LEU A 813 -7.02 20.47 -26.04
C LEU A 813 -7.39 19.01 -26.20
N LEU A 814 -6.91 18.16 -25.29
CA LEU A 814 -7.16 16.73 -25.37
C LEU A 814 -8.63 16.45 -25.18
N PHE A 815 -9.30 17.25 -24.36
CA PHE A 815 -10.75 17.07 -24.17
C PHE A 815 -11.49 17.32 -25.50
N LEU A 816 -11.23 18.46 -26.12
CA LEU A 816 -11.78 18.72 -27.44
C LEU A 816 -11.50 17.56 -28.38
N TYR A 817 -10.24 17.15 -28.46
CA TYR A 817 -9.83 16.09 -29.38
C TYR A 817 -10.66 14.80 -29.24
N ARG A 818 -11.10 14.51 -28.01
CA ARG A 818 -11.94 13.37 -27.66
C ARG A 818 -13.34 13.51 -28.24
N TYR A 819 -13.74 14.76 -28.50
CA TYR A 819 -15.07 15.03 -29.02
C TYR A 819 -15.03 15.50 -30.46
N ARG A 820 -13.98 15.12 -31.18
CA ARG A 820 -13.68 15.73 -32.48
C ARG A 820 -14.68 15.34 -33.57
N ASP A 821 -15.26 14.14 -33.48
CA ASP A 821 -16.30 13.75 -34.43
C ASP A 821 -17.60 14.47 -34.10
N ASP A 822 -17.91 14.61 -32.81
CA ASP A 822 -19.14 15.26 -32.37
C ASP A 822 -19.06 16.78 -32.47
N VAL A 823 -17.87 17.32 -32.23
CA VAL A 823 -17.65 18.76 -32.17
C VAL A 823 -16.49 19.12 -33.09
N PRO A 824 -16.71 19.08 -34.41
CA PRO A 824 -15.58 19.31 -35.34
C PRO A 824 -15.16 20.78 -35.39
N ILE A 825 -13.90 21.04 -35.02
CA ILE A 825 -13.37 22.39 -35.00
C ILE A 825 -12.03 22.44 -35.75
N GLY A 826 -11.78 21.39 -36.51
CA GLY A 826 -10.60 21.34 -37.35
C GLY A 826 -9.68 20.35 -36.70
N SER A 827 -9.98 19.08 -36.92
CA SER A 827 -9.35 18.01 -36.17
C SER A 827 -7.87 18.00 -36.45
N SER A 828 -7.52 18.32 -37.70
CA SER A 828 -6.11 18.33 -38.11
C SER A 828 -5.36 19.46 -37.46
N ASN A 829 -5.94 20.66 -37.40
CA ASN A 829 -5.28 21.77 -36.69
C ASN A 829 -5.20 21.51 -35.18
N LEU A 830 -6.25 20.92 -34.63
CA LEU A 830 -6.28 20.59 -33.21
C LEU A 830 -5.11 19.66 -32.86
N LYS A 831 -4.95 18.64 -33.70
CA LYS A 831 -3.92 17.63 -33.53
C LYS A 831 -2.56 18.25 -33.57
N GLU A 832 -2.31 19.10 -34.56
CA GLU A 832 -1.01 19.74 -34.69
C GLU A 832 -0.76 20.64 -33.51
N MET A 833 -1.81 21.30 -33.01
CA MET A 833 -1.69 22.18 -31.85
C MET A 833 -1.29 21.36 -30.62
N ILE A 834 -1.89 20.19 -30.44
CA ILE A 834 -1.48 19.29 -29.35
C ILE A 834 -0.04 18.83 -29.53
N ILE A 835 0.33 18.43 -30.74
CA ILE A 835 1.71 18.02 -31.00
C ILE A 835 2.73 19.11 -30.66
N SER A 836 2.50 20.36 -31.05
CA SER A 836 3.48 21.41 -30.74
C SER A 836 3.39 21.88 -29.27
N SER A 837 2.30 21.55 -28.59
CA SER A 837 2.20 21.81 -27.16
C SER A 837 3.01 20.80 -26.30
N LEU A 838 3.44 19.68 -26.89
CA LEU A 838 4.13 18.60 -26.15
C LEU A 838 5.57 18.86 -25.74
N SER A 839 6.25 19.80 -26.37
CA SER A 839 7.70 19.91 -26.22
C SER A 839 8.18 20.17 -24.77
N PRO A 840 7.39 20.89 -23.96
CA PRO A 840 7.81 21.13 -22.57
C PRO A 840 7.69 19.89 -21.66
N LEU A 841 7.06 18.85 -22.15
CA LEU A 841 6.82 17.68 -21.35
C LEU A 841 8.01 16.74 -21.44
N GLU A 842 8.15 15.92 -20.41
CA GLU A 842 9.15 14.87 -20.42
C GLU A 842 8.88 13.91 -21.55
N PRO A 843 9.90 13.17 -21.96
CA PRO A 843 9.79 12.28 -23.10
C PRO A 843 8.71 11.19 -22.97
N HIS A 844 8.68 10.50 -21.84
CA HIS A 844 7.66 9.48 -21.59
C HIS A 844 6.26 10.07 -21.77
N SER A 845 6.00 11.25 -21.24
CA SER A 845 4.67 11.84 -21.39
C SER A 845 4.36 12.21 -22.84
N GLN A 846 5.31 12.84 -23.52
CA GLN A 846 5.22 13.13 -24.96
C GLN A 846 4.83 11.89 -25.78
N ASN A 847 5.53 10.78 -25.52
CA ASN A 847 5.29 9.55 -26.28
C ASN A 847 3.96 8.89 -25.98
N GLU A 848 3.52 8.87 -24.73
CA GLU A 848 2.29 8.16 -24.43
C GLU A 848 1.11 8.94 -25.02
N ILE A 849 1.21 10.27 -25.06
CA ILE A 849 0.23 11.09 -25.75
C ILE A 849 0.23 10.80 -27.26
N LEU A 850 1.41 10.72 -27.90
CA LEU A 850 1.47 10.53 -29.33
C LEU A 850 0.90 9.17 -29.69
N GLN A 851 1.09 8.21 -28.80
CA GLN A 851 0.73 6.86 -29.13
C GLN A 851 -0.66 6.44 -28.68
N TYR A 852 -1.11 6.98 -27.56
CA TYR A 852 -2.31 6.45 -26.94
C TYR A 852 -3.45 7.47 -26.82
N TYR A 853 -3.16 8.75 -27.00
CA TYR A 853 -4.15 9.81 -26.86
C TYR A 853 -4.60 10.33 -28.21
N LEU A 854 -3.68 10.34 -29.18
CA LEU A 854 -3.95 10.90 -30.49
C LEU A 854 -4.33 9.84 -31.51
N PRO B 2 10.09 14.40 4.56
CA PRO B 2 10.57 13.63 5.72
C PRO B 2 9.48 12.69 6.27
N ILE B 3 9.87 11.75 7.09
CA ILE B 3 8.96 10.72 7.56
C ILE B 3 8.33 11.13 8.89
N ASN B 4 7.01 10.92 8.99
CA ASN B 4 6.23 11.18 10.21
C ASN B 4 5.83 9.83 10.76
N ILE B 5 5.89 9.68 12.08
CA ILE B 5 5.44 8.46 12.75
C ILE B 5 4.21 8.79 13.58
N ARG B 6 3.12 8.06 13.37
CA ARG B 6 1.89 8.25 14.12
C ARG B 6 1.09 6.98 14.30
N ARG B 7 0.14 7.05 15.20
CA ARG B 7 -0.80 5.96 15.39
C ARG B 7 -1.65 5.72 14.17
N ALA B 8 -1.91 4.44 13.89
CA ALA B 8 -2.77 4.05 12.76
C ALA B 8 -4.25 4.19 13.07
N THR B 9 -5.06 4.46 12.05
CA THR B 9 -6.51 4.39 12.19
C THR B 9 -7.05 3.55 11.04
N ILE B 10 -8.36 3.33 11.03
CA ILE B 10 -8.95 2.50 9.96
C ILE B 10 -8.74 3.19 8.59
N ASN B 11 -8.49 4.49 8.59
CA ASN B 11 -8.23 5.17 7.34
C ASN B 11 -6.89 4.74 6.72
N ASP B 12 -6.07 4.03 7.49
CA ASP B 12 -4.75 3.59 6.98
C ASP B 12 -4.72 2.14 6.51
N ILE B 13 -5.78 1.35 6.80
CA ILE B 13 -5.65 -0.07 6.56
C ILE B 13 -5.60 -0.43 5.05
N ILE B 14 -6.30 0.25 4.17
CA ILE B 14 -6.13 -0.11 2.74
C ILE B 14 -4.68 0.03 2.24
N CYS B 15 -4.01 1.10 2.66
CA CYS B 15 -2.60 1.35 2.33
C CYS B 15 -1.63 0.45 3.11
N MET B 16 -1.99 0.13 4.36
CA MET B 16 -1.22 -0.86 5.10
C MET B 16 -1.26 -2.20 4.35
N GLN B 17 -2.43 -2.67 3.95
CA GLN B 17 -2.51 -3.88 3.15
C GLN B 17 -1.66 -3.75 1.87
N ASN B 18 -1.67 -2.57 1.25
CA ASN B 18 -0.91 -2.42 0.03
C ASN B 18 0.58 -2.57 0.32
N ALA B 19 1.04 -1.97 1.43
CA ALA B 19 2.45 -2.09 1.85
C ALA B 19 2.80 -3.56 2.13
N ASN B 20 1.93 -4.26 2.85
CA ASN B 20 2.17 -5.67 3.13
C ASN B 20 2.30 -6.44 1.83
N LEU B 21 1.41 -6.13 0.91
CA LEU B 21 1.37 -6.84 -0.37
C LEU B 21 2.65 -6.61 -1.17
N HIS B 22 3.29 -5.46 -1.00
CA HIS B 22 4.50 -5.19 -1.73
C HIS B 22 5.69 -5.82 -1.07
N ASN B 23 5.70 -5.86 0.24
CA ASN B 23 6.89 -6.18 1.00
C ASN B 23 7.00 -7.58 1.57
N LEU B 24 5.91 -8.37 1.60
CA LEU B 24 5.92 -9.68 2.25
C LEU B 24 5.10 -10.77 1.52
N PRO B 25 5.49 -12.06 1.64
CA PRO B 25 4.69 -13.13 1.02
C PRO B 25 3.46 -13.56 1.83
N GLU B 26 3.40 -13.13 3.08
CA GLU B 26 2.26 -13.45 3.96
C GLU B 26 1.24 -12.34 3.86
N ASN B 27 0.07 -12.62 3.27
CA ASN B 27 -0.92 -11.57 2.98
C ASN B 27 -2.27 -11.89 3.60
N TYR B 28 -3.08 -10.88 3.83
CA TYR B 28 -4.34 -11.06 4.53
C TYR B 28 -5.37 -10.23 3.87
N MET B 29 -6.61 -10.69 3.97
CA MET B 29 -7.76 -9.97 3.48
C MET B 29 -8.05 -8.74 4.35
N MET B 30 -8.69 -7.74 3.75
CA MET B 30 -9.09 -6.53 4.44
C MET B 30 -9.82 -6.81 5.74
N LYS B 31 -10.67 -7.84 5.76
CA LYS B 31 -11.41 -8.16 6.99
C LYS B 31 -10.46 -8.34 8.16
N TYR B 32 -9.27 -8.89 7.90
CA TYR B 32 -8.31 -9.22 8.95
C TYR B 32 -7.64 -7.94 9.47
N TYR B 33 -7.40 -6.97 8.60
CA TYR B 33 -6.90 -5.67 9.09
C TYR B 33 -7.97 -4.94 9.93
N MET B 34 -9.23 -5.09 9.56
CA MET B 34 -10.30 -4.38 10.26
C MET B 34 -10.42 -4.96 11.68
N TYR B 35 -10.36 -6.29 11.76
CA TYR B 35 -10.28 -7.06 13.01
C TYR B 35 -9.17 -6.56 13.92
N HIS B 36 -8.01 -6.26 13.36
CA HIS B 36 -6.92 -5.70 14.15
C HIS B 36 -7.26 -4.26 14.61
N ILE B 37 -7.57 -3.38 13.67
CA ILE B 37 -7.65 -1.95 14.00
C ILE B 37 -8.90 -1.62 14.85
N LEU B 38 -9.90 -2.50 14.79
CA LEU B 38 -11.15 -2.31 15.56
C LEU B 38 -11.16 -3.08 16.89
N SER B 39 -10.17 -3.96 17.09
CA SER B 39 -9.98 -4.68 18.36
C SER B 39 -8.89 -4.04 19.23
N TRP B 40 -7.84 -3.54 18.60
CA TRP B 40 -6.71 -2.95 19.32
C TRP B 40 -6.38 -1.61 18.66
N PRO B 41 -7.28 -0.63 18.81
CA PRO B 41 -7.22 0.65 18.09
C PRO B 41 -6.10 1.58 18.57
N GLU B 42 -5.31 1.18 19.58
CA GLU B 42 -4.24 2.03 20.11
C GLU B 42 -2.85 1.40 19.92
N ALA B 43 -2.79 0.26 19.24
CA ALA B 43 -1.57 -0.57 19.23
C ALA B 43 -0.74 -0.48 17.92
N SER B 44 -1.40 -0.20 16.80
CA SER B 44 -0.69 -0.18 15.50
C SER B 44 -0.24 1.24 15.11
N PHE B 45 0.88 1.35 14.39
CA PHE B 45 1.45 2.65 14.02
C PHE B 45 1.85 2.65 12.56
N VAL B 46 1.92 3.82 11.96
CA VAL B 46 2.37 3.92 10.57
C VAL B 46 3.41 5.01 10.39
N ALA B 47 4.17 4.87 9.30
CA ALA B 47 5.19 5.82 8.93
C ALA B 47 4.76 6.40 7.58
N THR B 48 4.71 7.72 7.47
CA THR B 48 4.28 8.38 6.23
C THR B 48 5.19 9.52 5.80
N THR B 49 5.16 9.87 4.51
CA THR B 49 5.86 11.06 4.11
C THR B 49 5.07 12.22 4.70
N THR B 50 5.61 13.42 4.60
CA THR B 50 5.00 14.61 5.17
C THR B 50 5.27 15.77 4.23
N THR B 51 4.25 16.49 3.82
CA THR B 51 4.43 17.70 3.03
C THR B 51 3.97 18.95 3.80
N LEU B 52 4.89 19.60 4.49
CA LEU B 52 4.56 20.80 5.31
C LEU B 52 4.52 22.06 4.49
N ASP B 53 3.56 22.94 4.82
CA ASP B 53 3.49 24.27 4.20
C ASP B 53 4.76 25.08 4.45
N CYS B 54 5.17 25.87 3.45
CA CYS B 54 6.43 26.64 3.46
C CYS B 54 6.17 28.12 3.16
N GLU B 55 7.04 29.00 3.66
CA GLU B 55 6.90 30.45 3.50
C GLU B 55 6.96 30.92 2.04
N ASP B 56 7.73 30.22 1.22
CA ASP B 56 7.90 30.66 -0.17
C ASP B 56 6.57 30.70 -0.91
N ARG B 77 -4.67 20.59 -4.53
CA ARG B 77 -4.67 19.30 -5.22
C ARG B 77 -5.44 18.28 -4.42
N THR B 78 -5.94 17.29 -5.13
CA THR B 78 -6.44 16.10 -4.50
C THR B 78 -5.28 15.07 -4.49
N ILE B 79 -5.62 13.90 -3.99
CA ILE B 79 -4.66 12.87 -3.73
C ILE B 79 -4.20 12.17 -5.05
N LYS B 80 -2.93 11.76 -5.13
CA LYS B 80 -2.45 10.96 -6.25
C LYS B 80 -3.20 9.60 -6.30
N LEU B 81 -3.60 9.17 -7.48
CA LEU B 81 -4.27 7.89 -7.67
C LEU B 81 -3.29 6.71 -7.66
N ASP B 82 -2.81 6.39 -6.46
CA ASP B 82 -1.64 5.55 -6.25
C ASP B 82 -1.88 4.80 -4.96
N PRO B 83 -1.54 3.51 -4.92
CA PRO B 83 -2.01 2.68 -3.81
C PRO B 83 -1.32 2.97 -2.47
N THR B 84 -0.32 3.85 -2.45
CA THR B 84 0.36 4.17 -1.19
C THR B 84 -0.17 5.45 -0.56
N TYR B 85 -0.98 6.21 -1.30
CA TYR B 85 -1.38 7.53 -0.85
C TYR B 85 -2.56 7.58 0.11
N LEU B 86 -2.36 8.35 1.19
CA LEU B 86 -3.33 8.50 2.28
C LEU B 86 -4.03 9.84 2.18
N ALA B 87 -3.34 10.81 1.61
CA ALA B 87 -3.86 12.16 1.56
C ALA B 87 -2.91 12.98 0.67
N PRO B 88 -3.34 14.17 0.28
CA PRO B 88 -2.40 14.94 -0.57
C PRO B 88 -1.06 15.12 0.13
N GLY B 89 0.01 14.79 -0.57
CA GLY B 89 1.36 14.90 -0.02
C GLY B 89 1.71 13.96 1.13
N GLU B 90 0.92 12.88 1.33
CA GLU B 90 1.22 11.92 2.39
C GLU B 90 0.95 10.54 1.89
N LYS B 91 1.98 9.70 1.90
CA LYS B 91 1.81 8.33 1.51
C LYS B 91 2.45 7.46 2.57
N LEU B 92 1.98 6.23 2.66
CA LEU B 92 2.40 5.29 3.65
C LEU B 92 3.67 4.58 3.19
N VAL B 93 4.75 4.67 3.98
CA VAL B 93 6.00 3.95 3.66
C VAL B 93 6.38 2.79 4.59
N GLY B 94 5.73 2.71 5.75
CA GLY B 94 5.90 1.56 6.63
C GLY B 94 4.76 1.43 7.64
N TYR B 95 4.63 0.28 8.28
CA TYR B 95 3.54 0.11 9.26
C TYR B 95 4.01 -0.98 10.19
N VAL B 96 3.43 -0.99 11.38
CA VAL B 96 3.47 -2.16 12.26
C VAL B 96 2.03 -2.45 12.70
N LEU B 97 1.61 -3.66 12.34
CA LEU B 97 0.27 -4.22 12.63
C LEU B 97 0.36 -5.15 13.84
N VAL B 98 -0.34 -4.78 14.90
CA VAL B 98 -0.21 -5.37 16.24
C VAL B 98 -1.55 -5.81 16.80
N LYS B 99 -1.53 -6.97 17.45
CA LYS B 99 -2.68 -7.46 18.20
C LYS B 99 -2.29 -7.96 19.60
N MET B 100 -3.32 -8.13 20.42
CA MET B 100 -3.19 -8.90 21.66
C MET B 100 -3.54 -10.37 21.34
N ASN B 101 -2.99 -11.28 22.13
CA ASN B 101 -3.23 -12.69 21.91
C ASN B 101 -4.61 -12.99 22.45
N ASP B 102 -5.51 -13.45 21.58
CA ASP B 102 -6.90 -13.66 21.95
C ASP B 102 -7.42 -15.07 21.61
N ASP B 103 -6.52 -16.06 21.58
CA ASP B 103 -6.90 -17.49 21.63
C ASP B 103 -7.51 -17.90 22.97
N PRO B 104 -7.83 -19.21 23.13
CA PRO B 104 -8.04 -19.86 24.45
C PRO B 104 -7.01 -19.48 25.54
N ASN B 108 -4.50 -20.16 29.31
CA ASN B 108 -5.01 -18.94 29.94
C ASN B 108 -3.88 -18.09 30.54
N GLU B 109 -2.79 -18.00 29.79
CA GLU B 109 -1.62 -17.15 30.04
C GLU B 109 -1.93 -15.74 30.58
N PRO B 110 -0.90 -15.05 31.13
CA PRO B 110 -1.08 -13.60 31.30
C PRO B 110 -1.14 -12.87 29.96
N PRO B 111 -1.58 -11.62 29.98
CA PRO B 111 -1.71 -10.86 28.72
C PRO B 111 -0.40 -10.76 27.93
N ASN B 112 -0.47 -11.11 26.65
CA ASN B 112 0.67 -10.98 25.76
C ASN B 112 0.21 -10.58 24.36
N GLY B 113 1.08 -9.90 23.64
CA GLY B 113 0.80 -9.44 22.28
C GLY B 113 1.59 -10.13 21.18
N HIS B 114 1.18 -9.86 19.95
CA HIS B 114 1.78 -10.44 18.75
CA HIS B 114 1.84 -10.42 18.78
C HIS B 114 2.02 -9.31 17.74
N ILE B 115 3.17 -9.29 17.08
CA ILE B 115 3.42 -8.38 15.98
C ILE B 115 3.01 -9.20 14.77
N THR B 116 1.83 -8.93 14.24
CA THR B 116 1.34 -9.69 13.10
C THR B 116 2.19 -9.44 11.83
N SER B 117 2.56 -8.18 11.60
CA SER B 117 3.29 -7.81 10.40
C SER B 117 4.06 -6.50 10.61
N LEU B 118 5.30 -6.46 10.14
CA LEU B 118 6.04 -5.20 10.06
C LEU B 118 6.73 -5.13 8.70
N SER B 119 6.54 -4.02 7.97
CA SER B 119 7.32 -3.81 6.76
C SER B 119 7.48 -2.30 6.42
N VAL B 120 8.51 -2.00 5.66
CA VAL B 120 8.85 -0.66 5.21
C VAL B 120 9.25 -0.77 3.75
N MET B 121 8.79 0.15 2.91
CA MET B 121 9.13 0.15 1.50
C MET B 121 10.66 0.17 1.29
N ARG B 122 11.20 -0.51 0.30
CA ARG B 122 12.66 -0.71 0.28
C ARG B 122 13.43 0.61 0.13
N THR B 123 12.91 1.50 -0.68
CA THR B 123 13.54 2.78 -0.89
C THR B 123 13.62 3.68 0.36
N TYR B 124 12.99 3.23 1.47
CA TYR B 124 12.93 3.96 2.74
C TYR B 124 13.57 3.17 3.90
N ARG B 125 14.19 2.03 3.59
CA ARG B 125 14.80 1.22 4.64
C ARG B 125 16.12 1.85 5.09
N ARG B 126 16.62 1.33 6.21
CA ARG B 126 17.92 1.69 6.76
C ARG B 126 18.01 3.15 7.18
N MET B 127 16.94 3.68 7.75
CA MET B 127 17.04 4.98 8.39
C MET B 127 16.28 5.06 9.72
N GLY B 128 15.96 3.91 10.31
CA GLY B 128 15.40 3.87 11.66
C GLY B 128 13.88 3.77 11.72
N ILE B 129 13.21 3.70 10.56
CA ILE B 129 11.73 3.65 10.59
C ILE B 129 11.20 2.43 11.33
N ALA B 130 11.68 1.24 11.00
CA ALA B 130 11.18 0.03 11.66
C ALA B 130 11.38 0.11 13.15
N GLU B 131 12.59 0.50 13.55
CA GLU B 131 12.91 0.70 14.96
C GLU B 131 11.91 1.62 15.64
N ASN B 132 11.73 2.85 15.10
CA ASN B 132 10.73 3.77 15.66
C ASN B 132 9.33 3.17 15.78
N LEU B 133 8.86 2.47 14.74
CA LEU B 133 7.51 1.89 14.79
C LEU B 133 7.46 0.87 15.91
N MET B 134 8.48 0.04 15.95
CA MET B 134 8.50 -1.05 16.91
C MET B 134 8.48 -0.54 18.34
N ARG B 135 9.27 0.49 18.64
CA ARG B 135 9.28 0.99 20.00
C ARG B 135 7.92 1.55 20.42
N GLN B 136 7.25 2.26 19.50
CA GLN B 136 5.91 2.74 19.81
C GLN B 136 4.99 1.54 20.04
N ALA B 137 5.15 0.48 19.24
CA ALA B 137 4.28 -0.69 19.40
C ALA B 137 4.51 -1.42 20.73
N LEU B 138 5.76 -1.56 21.16
CA LEU B 138 6.04 -2.30 22.40
C LEU B 138 5.51 -1.49 23.58
N PHE B 139 5.75 -0.18 23.55
CA PHE B 139 5.30 0.66 24.65
C PHE B 139 3.76 0.69 24.75
N ALA B 140 3.08 0.76 23.60
CA ALA B 140 1.61 0.74 23.59
C ALA B 140 1.05 -0.57 24.15
N LEU B 141 1.62 -1.70 23.72
CA LEU B 141 1.18 -3.00 24.21
C LEU B 141 1.27 -3.04 25.74
N ARG B 142 2.35 -2.50 26.29
CA ARG B 142 2.55 -2.47 27.75
C ARG B 142 1.58 -1.47 28.39
N GLU B 143 1.53 -0.28 27.83
CA GLU B 143 0.78 0.80 28.44
C GLU B 143 -0.72 0.52 28.33
N VAL B 144 -1.18 0.22 27.13
CA VAL B 144 -2.60 0.18 26.89
C VAL B 144 -3.16 -1.14 27.35
N HIS B 145 -2.38 -2.19 27.18
CA HIS B 145 -2.89 -3.55 27.35
C HIS B 145 -2.20 -4.37 28.46
N GLN B 146 -1.25 -3.77 29.17
CA GLN B 146 -0.53 -4.48 30.26
C GLN B 146 0.04 -5.80 29.79
N ALA B 147 0.48 -5.80 28.55
CA ALA B 147 1.03 -6.97 27.95
C ALA B 147 2.33 -7.30 28.71
N GLU B 148 2.53 -8.58 29.05
CA GLU B 148 3.74 -9.02 29.80
C GLU B 148 4.85 -9.34 28.84
N TYR B 149 4.46 -9.86 27.69
CA TYR B 149 5.41 -10.09 26.61
C TYR B 149 4.75 -9.99 25.23
N VAL B 150 5.60 -9.99 24.20
CA VAL B 150 5.19 -9.90 22.82
C VAL B 150 5.95 -10.99 22.06
N SER B 151 5.31 -11.56 21.03
CA SER B 151 5.88 -12.65 20.19
C SER B 151 5.76 -12.32 18.72
N LEU B 152 6.54 -13.00 17.90
CA LEU B 152 6.43 -12.78 16.48
C LEU B 152 7.12 -13.92 15.79
N HIS B 153 6.88 -14.07 14.49
CA HIS B 153 7.62 -15.01 13.68
C HIS B 153 8.49 -14.28 12.66
N VAL B 154 9.65 -14.84 12.35
CA VAL B 154 10.53 -14.26 11.36
C VAL B 154 11.31 -15.33 10.60
N ARG B 155 11.44 -15.15 9.29
CA ARG B 155 12.20 -16.09 8.45
C ARG B 155 13.68 -16.20 8.91
N GLN B 156 14.22 -17.40 8.96
CA GLN B 156 15.60 -17.56 9.44
C GLN B 156 16.63 -16.80 8.61
N SER B 157 16.33 -16.64 7.31
CA SER B 157 17.27 -16.05 6.38
C SER B 157 17.05 -14.54 6.20
N ASN B 158 16.21 -13.96 7.03
CA ASN B 158 15.89 -12.55 6.93
C ASN B 158 16.86 -11.71 7.78
N ARG B 159 18.02 -11.43 7.21
CA ARG B 159 19.11 -10.74 7.90
C ARG B 159 18.67 -9.41 8.51
N ALA B 160 18.02 -8.60 7.68
CA ALA B 160 17.59 -7.29 8.14
C ALA B 160 16.66 -7.42 9.33
N ALA B 161 15.64 -8.26 9.21
CA ALA B 161 14.68 -8.44 10.29
C ALA B 161 15.30 -9.02 11.57
N LEU B 162 16.18 -10.02 11.44
CA LEU B 162 16.89 -10.55 12.60
C LEU B 162 17.71 -9.49 13.32
N HIS B 163 18.43 -8.67 12.57
CA HIS B 163 19.23 -7.61 13.18
C HIS B 163 18.31 -6.69 14.00
N LEU B 164 17.21 -6.25 13.40
CA LEU B 164 16.25 -5.38 14.07
C LEU B 164 15.78 -5.99 15.40
N TYR B 165 15.32 -7.24 15.35
CA TYR B 165 14.65 -7.83 16.50
C TYR B 165 15.68 -8.29 17.55
N ARG B 166 16.73 -8.98 17.12
CA ARG B 166 17.69 -9.54 18.06
C ARG B 166 18.62 -8.46 18.56
N ASP B 167 19.23 -7.70 17.65
CA ASP B 167 20.26 -6.74 18.06
C ASP B 167 19.67 -5.44 18.55
N THR B 168 18.99 -4.70 17.68
CA THR B 168 18.37 -3.43 18.09
C THR B 168 17.39 -3.56 19.25
N LEU B 169 16.57 -4.60 19.28
CA LEU B 169 15.44 -4.58 20.22
C LEU B 169 15.57 -5.64 21.31
N ALA B 170 16.60 -6.47 21.21
CA ALA B 170 16.82 -7.50 22.22
C ALA B 170 15.65 -8.49 22.37
N PHE B 171 15.03 -8.91 21.27
CA PHE B 171 14.14 -10.07 21.32
C PHE B 171 15.00 -11.30 21.56
N GLU B 172 14.38 -12.35 22.11
CA GLU B 172 15.04 -13.65 22.32
C GLU B 172 14.48 -14.65 21.33
N VAL B 173 15.24 -15.70 21.01
CA VAL B 173 14.65 -16.81 20.26
C VAL B 173 13.96 -17.75 21.21
N LEU B 174 12.71 -18.04 20.93
CA LEU B 174 11.96 -18.91 21.80
C LEU B 174 11.99 -20.32 21.22
N SER B 175 11.94 -20.43 19.91
CA SER B 175 12.04 -21.74 19.28
C SER B 175 12.26 -21.66 17.77
N ILE B 176 12.47 -22.82 17.18
CA ILE B 176 12.52 -22.96 15.76
C ILE B 176 11.22 -23.58 15.36
N GLU B 177 10.60 -23.01 14.32
CA GLU B 177 9.34 -23.53 13.78
C GLU B 177 9.65 -24.01 12.38
N LYS B 178 9.69 -25.33 12.21
CA LYS B 178 10.12 -25.90 10.94
C LYS B 178 9.04 -25.66 9.90
N SER B 179 9.45 -25.30 8.69
CA SER B 179 8.52 -25.22 7.55
C SER B 179 7.31 -24.33 7.87
N TYR B 180 7.56 -23.26 8.62
CA TYR B 180 6.51 -22.38 9.08
C TYR B 180 5.85 -21.59 7.93
N TYR B 181 6.65 -21.07 7.02
CA TYR B 181 6.11 -20.27 5.91
C TYR B 181 5.67 -21.17 4.73
N GLN B 182 4.88 -20.62 3.82
CA GLN B 182 4.26 -21.37 2.74
C GLN B 182 5.28 -21.96 1.75
N ASP B 183 6.37 -21.24 1.49
CA ASP B 183 7.37 -21.73 0.59
C ASP B 183 8.30 -22.72 1.33
N GLY B 184 8.03 -22.95 2.61
CA GLY B 184 8.70 -24.00 3.35
C GLY B 184 9.82 -23.54 4.25
N GLU B 185 10.09 -22.24 4.25
CA GLU B 185 11.19 -21.73 5.06
C GLU B 185 10.88 -21.79 6.56
N ASP B 186 11.88 -22.18 7.34
CA ASP B 186 11.76 -22.25 8.79
C ASP B 186 11.74 -20.83 9.35
N ALA B 187 11.04 -20.68 10.47
CA ALA B 187 10.98 -19.42 11.17
C ALA B 187 11.65 -19.58 12.54
N TYR B 188 12.11 -18.48 13.11
CA TYR B 188 12.25 -18.37 14.57
C TYR B 188 10.97 -17.79 15.16
N ALA B 189 10.48 -18.37 16.26
CA ALA B 189 9.50 -17.71 17.08
C ALA B 189 10.32 -16.90 18.08
N MET B 190 10.07 -15.59 18.15
CA MET B 190 10.84 -14.71 19.02
C MET B 190 9.97 -14.04 20.07
N LYS B 191 10.55 -13.64 21.18
CA LYS B 191 9.79 -13.17 22.32
C LYS B 191 10.56 -12.05 22.98
N LYS B 192 9.84 -11.08 23.54
CA LYS B 192 10.46 -10.04 24.35
C LYS B 192 9.56 -9.73 25.51
N VAL B 193 10.17 -9.64 26.70
CA VAL B 193 9.45 -9.33 27.91
C VAL B 193 9.33 -7.82 28.03
N LEU B 194 8.12 -7.37 28.36
CA LEU B 194 7.81 -5.95 28.36
C LEU B 194 7.65 -5.38 29.76
N LYS B 195 8.33 -4.27 30.02
CA LYS B 195 8.25 -3.57 31.30
C LYS B 195 8.15 -2.09 30.98
N LEU B 196 7.19 -1.41 31.59
CA LEU B 196 6.78 -0.07 31.19
C LEU B 196 7.92 0.98 31.14
N GLU B 197 8.67 1.10 32.24
CA GLU B 197 9.66 2.17 32.41
C GLU B 197 10.81 2.06 31.41
N GLU B 198 11.30 0.84 31.17
CA GLU B 198 12.39 0.69 30.20
C GLU B 198 11.96 0.89 28.73
N LEU B 199 10.65 0.84 28.46
CA LEU B 199 10.14 0.97 27.09
C LEU B 199 9.80 2.42 26.74
N GLN B 200 9.81 3.30 27.75
CA GLN B 200 9.51 4.70 27.50
C GLN B 200 10.39 5.25 26.38
N ILE B 201 9.74 5.93 25.45
CA ILE B 201 10.37 6.41 24.23
C ILE B 201 11.48 7.41 24.54
N SER B 202 11.33 8.22 25.58
CA SER B 202 12.40 9.12 26.01
C SER B 202 13.72 8.38 26.33
N ASN B 203 13.68 7.11 26.67
CA ASN B 203 14.95 6.39 26.84
C ASN B 203 15.78 6.21 25.56
N PHE B 204 15.24 6.54 24.39
CA PHE B 204 15.92 6.18 23.13
C PHE B 204 16.20 7.38 22.27
N THR B 205 16.15 8.56 22.87
CA THR B 205 16.33 9.78 22.09
C THR B 205 17.79 9.98 21.64
N HIS B 206 18.75 9.38 22.36
CA HIS B 206 20.18 9.52 22.02
C HIS B 206 20.80 8.17 21.61
N ARG B 207 21.13 8.04 20.31
CA ARG B 207 21.80 6.83 19.76
C ARG B 207 23.02 6.43 20.58
N ARG B 208 23.86 7.42 20.88
CA ARG B 208 25.11 7.26 21.64
C ARG B 208 24.83 6.88 23.10
N GLU B 214 25.93 13.93 27.98
CA GLU B 214 24.79 14.58 28.63
C GLU B 214 23.50 14.34 27.86
N LYS B 215 22.58 13.61 28.48
CA LYS B 215 21.27 13.40 27.88
C LYS B 215 20.23 14.38 28.43
N LEU B 216 20.11 15.56 27.83
CA LEU B 216 19.11 16.52 28.27
C LEU B 216 17.66 16.06 27.94
N GLU B 217 16.71 16.38 28.83
CA GLU B 217 15.31 15.99 28.68
C GLU B 217 14.43 17.19 28.96
N ASP B 218 13.22 17.20 28.39
CA ASP B 218 12.18 18.16 28.78
C ASP B 218 11.65 17.70 30.14
N ASP B 219 11.67 18.59 31.13
CA ASP B 219 11.11 18.33 32.45
C ASP B 219 9.62 18.64 32.41
N LEU B 220 9.19 19.22 31.29
CA LEU B 220 7.79 19.57 31.06
C LEU B 220 7.37 20.67 32.03
N GLU B 221 8.35 21.48 32.47
CA GLU B 221 8.11 22.55 33.44
C GLU B 221 8.48 23.96 32.98
N SER B 222 9.71 24.19 32.59
CA SER B 222 10.18 25.56 32.37
C SER B 222 9.40 26.36 31.29
N ASP B 223 10.07 27.38 30.76
CA ASP B 223 9.67 27.97 29.49
C ASP B 223 10.80 27.62 28.57
N LEU B 224 10.46 26.97 27.47
CA LEU B 224 11.46 26.53 26.49
C LEU B 224 12.26 27.68 25.84
N LEU B 225 11.65 28.86 25.75
CA LEU B 225 12.32 30.01 25.12
C LEU B 225 13.25 30.77 26.11
N GLU B 226 13.70 30.09 27.16
CA GLU B 226 14.64 30.66 28.13
C GLU B 226 15.90 31.16 27.42
N ARG C 3 28.59 -4.67 15.63
CA ARG C 3 29.78 -5.54 15.65
C ARG C 3 30.91 -5.09 14.69
N ASP C 4 31.74 -6.01 14.25
CA ASP C 4 32.79 -5.68 13.30
C ASP C 4 32.06 -5.24 12.01
N ILE C 5 32.59 -4.21 11.35
CA ILE C 5 31.94 -3.64 10.17
C ILE C 5 31.88 -4.68 9.03
N CYS C 6 32.89 -5.55 8.96
CA CYS C 6 32.91 -6.70 8.06
CA CYS C 6 32.80 -6.69 8.06
C CYS C 6 32.41 -7.96 8.77
N THR C 7 31.43 -8.64 8.19
CA THR C 7 30.97 -9.93 8.69
C THR C 7 30.75 -10.88 7.53
N LEU C 8 30.83 -12.17 7.82
CA LEU C 8 30.42 -13.20 6.89
C LEU C 8 29.07 -13.81 7.27
N ASP C 9 28.32 -14.23 6.26
CA ASP C 9 27.06 -14.90 6.48
C ASP C 9 26.81 -15.85 5.32
N ASN C 10 25.80 -16.70 5.47
CA ASN C 10 25.55 -17.77 4.51
C ASN C 10 24.96 -17.28 3.21
N VAL C 11 25.17 -18.09 2.18
CA VAL C 11 24.54 -17.88 0.89
C VAL C 11 23.40 -18.89 0.80
N TYR C 12 22.26 -18.46 0.26
CA TYR C 12 21.08 -19.29 0.13
C TYR C 12 20.69 -19.20 -1.31
N ALA C 13 19.72 -20.01 -1.73
CA ALA C 13 19.23 -19.98 -3.10
C ALA C 13 18.72 -18.58 -3.45
N ASN C 14 18.07 -17.92 -2.49
CA ASN C 14 17.50 -16.60 -2.70
C ASN C 14 18.48 -15.48 -3.03
N ASN C 15 19.72 -15.55 -2.50
CA ASN C 15 20.72 -14.49 -2.77
C ASN C 15 21.92 -15.05 -3.55
N LEU C 16 21.69 -16.19 -4.19
CA LEU C 16 22.69 -16.81 -5.06
C LEU C 16 23.07 -15.88 -6.20
N GLY C 17 22.11 -15.08 -6.66
CA GLY C 17 22.37 -14.19 -7.75
C GLY C 17 23.32 -13.08 -7.33
N MET C 18 23.39 -12.83 -6.02
CA MET C 18 24.30 -11.81 -5.48
C MET C 18 25.74 -12.32 -5.61
N LEU C 19 25.93 -13.57 -5.22
CA LEU C 19 27.23 -14.22 -5.34
C LEU C 19 27.69 -14.32 -6.82
N THR C 20 26.74 -14.58 -7.73
CA THR C 20 27.00 -14.66 -9.17
C THR C 20 27.43 -13.34 -9.75
N LYS C 21 26.83 -12.28 -9.25
CA LYS C 21 27.19 -10.96 -9.71
C LYS C 21 28.58 -10.64 -9.21
N LEU C 22 28.91 -11.11 -8.02
CA LEU C 22 30.20 -10.73 -7.40
C LEU C 22 31.31 -11.39 -8.18
N ALA C 23 31.09 -12.67 -8.50
CA ALA C 23 32.01 -13.47 -9.32
C ALA C 23 32.15 -12.91 -10.73
N HIS C 24 31.06 -12.43 -11.33
CA HIS C 24 31.15 -11.87 -12.67
C HIS C 24 31.94 -10.57 -12.71
N VAL C 25 31.82 -9.72 -11.69
CA VAL C 25 32.56 -8.46 -11.76
C VAL C 25 34.03 -8.60 -11.28
N THR C 26 34.32 -9.60 -10.45
CA THR C 26 35.70 -9.80 -9.93
C THR C 26 36.54 -10.84 -10.69
N VAL C 27 35.88 -11.78 -11.38
CA VAL C 27 36.55 -12.77 -12.20
C VAL C 27 35.76 -12.99 -13.50
N PRO C 28 35.83 -12.02 -14.43
CA PRO C 28 35.06 -12.14 -15.68
C PRO C 28 35.44 -13.36 -16.53
N ASN C 29 34.47 -13.86 -17.29
CA ASN C 29 34.69 -14.92 -18.27
C ASN C 29 35.23 -16.26 -17.75
N LEU C 30 34.91 -16.66 -16.52
CA LEU C 30 35.36 -17.97 -16.07
C LEU C 30 34.20 -18.87 -15.71
N TYR C 31 33.13 -18.30 -15.15
CA TYR C 31 32.05 -19.13 -14.61
C TYR C 31 30.83 -19.22 -15.53
N GLN C 32 30.39 -20.44 -15.83
CA GLN C 32 29.11 -20.65 -16.51
C GLN C 32 28.05 -20.49 -15.46
N ASP C 33 26.96 -19.79 -15.76
CA ASP C 33 25.91 -19.59 -14.74
C ASP C 33 25.39 -20.93 -14.19
N ALA C 34 25.49 -21.98 -15.00
CA ALA C 34 25.18 -23.34 -14.52
C ALA C 34 25.95 -23.72 -13.25
N PHE C 35 27.24 -23.37 -13.22
CA PHE C 35 28.10 -23.63 -12.06
C PHE C 35 27.49 -23.09 -10.76
N PHE C 36 27.00 -21.86 -10.79
CA PHE C 36 26.30 -21.29 -9.66
C PHE C 36 24.99 -22.00 -9.35
N SER C 37 24.23 -22.28 -10.40
CA SER C 37 22.95 -22.97 -10.26
C SER C 37 23.09 -24.36 -9.64
N ALA C 38 24.19 -25.04 -9.96
CA ALA C 38 24.36 -26.38 -9.43
C ALA C 38 24.57 -26.31 -7.92
N LEU C 39 25.01 -25.15 -7.42
CA LEU C 39 25.27 -25.04 -5.99
C LEU C 39 24.03 -25.28 -5.13
N PHE C 40 22.85 -24.86 -5.58
CA PHE C 40 21.64 -25.04 -4.76
C PHE C 40 20.52 -25.89 -5.39
N ALA C 41 20.85 -26.70 -6.39
CA ALA C 41 19.83 -27.55 -7.01
C ALA C 41 19.78 -28.93 -6.35
N GLU C 42 18.60 -29.31 -5.85
CA GLU C 42 18.33 -30.67 -5.37
C GLU C 42 17.50 -31.48 -6.37
N LYS C 56 26.99 -35.14 -6.10
CA LYS C 56 27.04 -35.49 -4.69
C LYS C 56 28.17 -34.73 -3.97
N ASP C 57 28.95 -33.97 -4.73
CA ASP C 57 30.06 -33.22 -4.15
C ASP C 57 29.61 -32.04 -3.28
N VAL C 58 30.30 -31.85 -2.16
CA VAL C 58 29.91 -30.86 -1.16
C VAL C 58 30.55 -29.51 -1.42
N HIS C 59 29.75 -28.45 -1.47
CA HIS C 59 30.30 -27.10 -1.54
C HIS C 59 30.08 -26.31 -0.26
N PHE C 60 30.95 -25.35 -0.02
CA PHE C 60 30.73 -24.36 1.03
C PHE C 60 30.66 -23.01 0.32
N THR C 61 29.67 -22.22 0.70
CA THR C 61 29.51 -20.87 0.15
C THR C 61 29.38 -19.84 1.27
N GLN C 62 29.76 -18.61 0.98
CA GLN C 62 29.69 -17.59 2.02
C GLN C 62 29.80 -16.24 1.35
N MET C 63 29.12 -15.26 1.94
CA MET C 63 29.11 -13.91 1.44
C MET C 63 29.77 -13.05 2.48
N ALA C 64 30.51 -12.04 2.06
CA ALA C 64 31.07 -11.04 2.98
C ALA C 64 30.31 -9.73 2.88
N TYR C 65 29.89 -9.20 4.02
CA TYR C 65 29.09 -7.97 4.07
C TYR C 65 29.93 -6.89 4.71
N TYR C 66 29.88 -5.69 4.15
CA TYR C 66 30.52 -4.52 4.74
C TYR C 66 29.42 -3.50 5.07
N SER C 67 29.19 -3.24 6.35
CA SER C 67 28.05 -2.41 6.77
C SER C 67 26.76 -2.88 6.09
N GLU C 68 26.61 -4.19 6.07
CA GLU C 68 25.42 -4.90 5.58
C GLU C 68 25.32 -4.98 4.04
N ILE C 69 26.36 -4.48 3.36
CA ILE C 69 26.45 -4.54 1.91
C ILE C 69 27.22 -5.78 1.45
N PRO C 70 26.65 -6.60 0.56
CA PRO C 70 27.44 -7.74 0.08
C PRO C 70 28.57 -7.25 -0.81
N VAL C 71 29.83 -7.48 -0.44
CA VAL C 71 30.94 -6.97 -1.23
C VAL C 71 31.94 -8.03 -1.61
N GLY C 72 31.70 -9.27 -1.25
CA GLY C 72 32.61 -10.35 -1.65
C GLY C 72 32.00 -11.69 -1.34
N GLY C 73 32.60 -12.77 -1.83
CA GLY C 73 32.05 -14.09 -1.59
C GLY C 73 33.05 -15.21 -1.82
N LEU C 74 32.63 -16.43 -1.50
CA LEU C 74 33.52 -17.58 -1.55
C LEU C 74 32.70 -18.78 -1.97
N VAL C 75 33.24 -19.56 -2.90
CA VAL C 75 32.76 -20.90 -3.18
C VAL C 75 33.93 -21.85 -3.04
N ALA C 76 33.81 -22.84 -2.16
CA ALA C 76 34.86 -23.85 -2.01
C ALA C 76 34.25 -25.23 -2.13
N LYS C 77 35.08 -26.22 -2.41
CA LYS C 77 34.60 -27.58 -2.65
C LYS C 77 35.39 -28.59 -1.81
N LEU C 78 34.68 -29.49 -1.15
CA LEU C 78 35.31 -30.65 -0.52
C LEU C 78 35.62 -31.73 -1.56
N VAL C 79 36.91 -32.02 -1.72
CA VAL C 79 37.38 -33.07 -2.65
C VAL C 79 37.80 -34.25 -1.79
N PRO C 80 37.02 -35.34 -1.85
CA PRO C 80 37.25 -36.42 -0.88
C PRO C 80 38.49 -37.28 -1.23
N LYS C 81 38.57 -37.73 -2.48
CA LYS C 81 39.63 -38.65 -2.92
C LYS C 81 40.41 -38.08 -4.10
N ASN C 84 41.70 -41.65 -8.61
CA ASN C 84 42.80 -41.53 -7.65
C ASN C 84 43.39 -40.14 -7.70
N GLU C 85 43.97 -39.73 -6.58
CA GLU C 85 44.32 -38.33 -6.40
C GLU C 85 45.67 -38.19 -5.69
N LEU C 86 46.51 -37.28 -6.19
CA LEU C 86 47.76 -36.95 -5.53
C LEU C 86 47.44 -35.96 -4.42
N SER C 87 48.45 -35.26 -3.89
CA SER C 87 48.22 -34.28 -2.85
C SER C 87 47.54 -32.99 -3.38
N LEU C 88 46.43 -33.17 -4.09
CA LEU C 88 45.42 -32.13 -4.31
C LEU C 88 44.05 -32.74 -3.95
N LYS C 89 43.99 -33.21 -2.71
CA LYS C 89 42.77 -33.63 -2.05
C LYS C 89 42.50 -32.53 -1.00
N GLY C 90 41.28 -32.44 -0.47
CA GLY C 90 40.97 -31.45 0.57
C GLY C 90 39.94 -30.40 0.19
N ILE C 91 40.23 -29.13 0.44
CA ILE C 91 39.32 -28.04 0.09
C ILE C 91 39.85 -27.29 -1.11
N GLN C 92 39.07 -27.29 -2.18
CA GLN C 92 39.42 -26.48 -3.34
C GLN C 92 38.67 -25.15 -3.28
N ILE C 93 39.40 -24.04 -3.34
CA ILE C 93 38.77 -22.72 -3.51
C ILE C 93 38.39 -22.52 -4.99
N GLU C 94 37.09 -22.42 -5.26
CA GLU C 94 36.60 -22.26 -6.63
C GLU C 94 36.29 -20.82 -6.98
N PHE C 95 35.96 -20.02 -5.98
CA PHE C 95 35.80 -18.58 -6.17
C PHE C 95 36.13 -17.88 -4.86
N LEU C 96 36.80 -16.75 -4.96
CA LEU C 96 37.07 -15.91 -3.78
C LEU C 96 37.31 -14.53 -4.31
N GLY C 97 36.42 -13.58 -4.09
CA GLY C 97 36.54 -12.29 -4.74
C GLY C 97 35.89 -11.18 -3.94
N VAL C 98 36.49 -9.98 -4.00
CA VAL C 98 35.99 -8.81 -3.30
C VAL C 98 35.91 -7.68 -4.31
N LEU C 99 34.85 -6.87 -4.22
CA LEU C 99 34.73 -5.71 -5.07
C LEU C 99 35.95 -4.77 -4.93
N PRO C 100 36.47 -4.20 -6.05
CA PRO C 100 37.71 -3.42 -5.97
C PRO C 100 37.75 -2.37 -4.86
N ASN C 101 36.70 -1.55 -4.70
CA ASN C 101 36.73 -0.48 -3.74
C ASN C 101 36.69 -0.90 -2.28
N TYR C 102 36.46 -2.19 -2.02
CA TYR C 102 36.38 -2.70 -0.64
C TYR C 102 37.60 -3.59 -0.30
N ARG C 103 38.60 -3.57 -1.18
CA ARG C 103 39.80 -4.36 -0.99
C ARG C 103 40.73 -3.67 0.02
N HIS C 104 41.66 -4.45 0.57
CA HIS C 104 42.66 -3.93 1.51
C HIS C 104 41.98 -3.49 2.80
N LYS C 105 40.96 -4.26 3.20
CA LYS C 105 40.25 -4.07 4.47
C LYS C 105 40.07 -5.40 5.21
N SER C 106 40.88 -6.39 4.84
CA SER C 106 40.91 -7.72 5.46
C SER C 106 39.77 -8.65 5.00
N ILE C 107 38.97 -8.20 4.05
CA ILE C 107 37.79 -8.98 3.71
C ILE C 107 38.15 -10.28 2.97
N GLY C 108 39.07 -10.19 2.02
CA GLY C 108 39.58 -11.39 1.35
C GLY C 108 40.25 -12.33 2.36
N SER C 109 40.95 -11.76 3.36
CA SER C 109 41.60 -12.61 4.38
C SER C 109 40.59 -13.35 5.22
N LYS C 110 39.49 -12.68 5.52
CA LYS C 110 38.41 -13.27 6.29
C LYS C 110 37.73 -14.42 5.53
N LEU C 111 37.54 -14.24 4.23
CA LEU C 111 36.91 -15.26 3.37
C LEU C 111 37.84 -16.48 3.22
N LEU C 112 39.10 -16.23 2.91
CA LEU C 112 40.10 -17.32 2.87
C LEU C 112 40.14 -18.10 4.19
N LYS C 113 40.03 -17.39 5.31
CA LYS C 113 40.15 -18.02 6.62
C LYS C 113 38.97 -18.94 6.90
N PHE C 114 37.77 -18.51 6.47
CA PHE C 114 36.62 -19.40 6.46
C PHE C 114 36.90 -20.69 5.67
N ALA C 115 37.57 -20.56 4.52
CA ALA C 115 37.86 -21.72 3.69
C ALA C 115 38.81 -22.61 4.48
N GLU C 116 39.86 -22.01 5.04
CA GLU C 116 40.89 -22.77 5.77
C GLU C 116 40.27 -23.46 6.96
N ASP C 117 39.51 -22.71 7.76
CA ASP C 117 38.76 -23.31 8.86
C ASP C 117 37.87 -24.48 8.45
N LYS C 118 37.17 -24.39 7.31
CA LYS C 118 36.33 -25.53 6.88
C LYS C 118 37.15 -26.78 6.60
N CYS C 119 38.36 -26.57 6.05
CA CYS C 119 39.30 -27.64 5.83
C CYS C 119 39.49 -28.43 7.12
N SER C 120 39.81 -27.75 8.23
CA SER C 120 40.06 -28.48 9.48
C SER C 120 38.81 -29.10 10.08
N GLU C 121 37.64 -28.44 9.97
CA GLU C 121 36.36 -29.02 10.41
C GLU C 121 36.11 -30.35 9.73
N CYS C 122 36.50 -30.42 8.46
CA CYS C 122 36.36 -31.63 7.67
C CYS C 122 37.56 -32.56 7.84
N HIS C 123 38.36 -32.34 8.89
CA HIS C 123 39.55 -33.16 9.14
C HIS C 123 40.39 -33.42 7.88
N GLN C 124 40.59 -32.38 7.06
CA GLN C 124 41.47 -32.44 5.90
C GLN C 124 42.69 -31.58 6.19
N HIS C 125 43.68 -31.62 5.30
CA HIS C 125 44.96 -31.01 5.61
C HIS C 125 45.51 -30.29 4.42
N ASN C 126 44.65 -30.08 3.43
CA ASN C 126 45.06 -29.34 2.27
C ASN C 126 43.97 -28.41 1.71
N VAL C 127 44.36 -27.16 1.45
CA VAL C 127 43.56 -26.19 0.74
C VAL C 127 44.34 -25.82 -0.52
N PHE C 128 43.69 -25.86 -1.68
CA PHE C 128 44.38 -25.52 -2.92
C PHE C 128 43.51 -24.65 -3.86
N VAL C 129 44.16 -23.99 -4.82
CA VAL C 129 43.47 -23.15 -5.78
C VAL C 129 44.22 -23.11 -7.11
N TYR C 130 43.51 -23.24 -8.23
CA TYR C 130 44.13 -22.98 -9.54
C TYR C 130 43.95 -21.51 -9.87
N LEU C 131 45.03 -20.81 -10.18
CA LEU C 131 44.95 -19.43 -10.72
C LEU C 131 45.50 -19.34 -12.14
N PRO C 132 44.99 -18.37 -12.93
CA PRO C 132 45.62 -18.03 -14.21
C PRO C 132 47.13 -17.78 -14.01
N ALA C 133 47.98 -18.44 -14.81
CA ALA C 133 49.44 -18.38 -14.63
C ALA C 133 49.98 -16.97 -14.73
N VAL C 134 49.25 -16.10 -15.44
CA VAL C 134 49.65 -14.72 -15.64
C VAL C 134 49.27 -13.83 -14.47
N ASP C 135 48.40 -14.30 -13.58
CA ASP C 135 47.91 -13.44 -12.53
C ASP C 135 48.92 -13.45 -11.42
N ASP C 136 49.90 -12.56 -11.55
CA ASP C 136 50.96 -12.51 -10.59
C ASP C 136 50.47 -11.93 -9.26
N LEU C 137 49.67 -10.88 -9.33
CA LEU C 137 49.30 -10.12 -8.13
C LEU C 137 48.53 -10.98 -7.16
N THR C 138 47.61 -11.79 -7.70
CA THR C 138 46.78 -12.68 -6.92
C THR C 138 47.62 -13.79 -6.34
N LYS C 139 48.49 -14.38 -7.15
CA LYS C 139 49.43 -15.41 -6.65
C LYS C 139 50.22 -14.93 -5.44
N GLN C 140 50.76 -13.72 -5.52
CA GLN C 140 51.54 -13.16 -4.42
C GLN C 140 50.66 -13.08 -3.17
N TRP C 141 49.37 -12.76 -3.36
CA TRP C 141 48.45 -12.61 -2.22
C TRP C 141 48.22 -13.94 -1.52
N PHE C 142 48.00 -15.00 -2.28
CA PHE C 142 47.92 -16.35 -1.68
C PHE C 142 49.23 -16.80 -1.00
N ILE C 143 50.37 -16.47 -1.61
CA ILE C 143 51.67 -16.81 -1.05
C ILE C 143 51.84 -16.05 0.26
N ALA C 144 51.42 -14.79 0.32
CA ALA C 144 51.52 -14.04 1.59
C ALA C 144 50.67 -14.69 2.65
N HIS C 145 49.71 -15.49 2.21
CA HIS C 145 48.84 -16.19 3.16
C HIS C 145 49.26 -17.64 3.40
N GLY C 146 50.48 -17.97 2.96
CA GLY C 146 51.10 -19.25 3.26
C GLY C 146 50.93 -20.32 2.20
N PHE C 147 50.43 -19.96 1.02
CA PHE C 147 50.25 -20.95 -0.04
C PHE C 147 51.58 -21.08 -0.76
N GLU C 148 51.77 -22.21 -1.45
CA GLU C 148 52.99 -22.47 -2.22
C GLU C 148 52.62 -23.01 -3.57
N GLN C 149 53.34 -22.61 -4.60
CA GLN C 149 53.11 -23.20 -5.90
C GLN C 149 53.51 -24.67 -5.94
N VAL C 150 52.76 -25.44 -6.73
CA VAL C 150 52.98 -26.88 -6.84
C VAL C 150 53.33 -27.19 -8.28
N GLY C 151 54.55 -27.67 -8.50
CA GLY C 151 55.04 -27.98 -9.83
C GLY C 151 55.09 -26.73 -10.70
N GLU C 152 54.74 -26.89 -11.96
CA GLU C 152 54.80 -25.77 -12.90
C GLU C 152 53.49 -25.58 -13.66
N THR C 153 53.51 -24.67 -14.61
CA THR C 153 52.29 -24.22 -15.27
C THR C 153 51.54 -25.39 -15.90
N VAL C 154 50.25 -25.40 -15.70
CA VAL C 154 49.40 -26.49 -16.12
C VAL C 154 48.82 -26.10 -17.47
N ASN C 155 49.18 -26.88 -18.49
CA ASN C 155 48.84 -26.58 -19.87
C ASN C 155 47.33 -26.43 -20.11
N ASN C 156 46.96 -25.27 -20.67
CA ASN C 156 45.57 -24.94 -21.05
C ASN C 156 44.43 -25.43 -20.14
N PHE C 157 44.62 -25.29 -18.83
CA PHE C 157 43.67 -25.80 -17.84
C PHE C 157 42.36 -24.97 -17.71
N ILE C 158 42.43 -23.68 -18.03
CA ILE C 158 41.29 -22.78 -17.80
C ILE C 158 40.53 -22.46 -19.09
N LYS C 159 39.35 -23.05 -19.24
CA LYS C 159 38.48 -22.74 -20.37
C LYS C 159 37.59 -21.55 -20.01
N GLY C 160 37.57 -20.56 -20.88
CA GLY C 160 36.71 -19.39 -20.71
C GLY C 160 35.30 -19.66 -21.24
N VAL C 161 34.38 -18.79 -20.86
CA VAL C 161 33.00 -18.81 -21.36
C VAL C 161 33.00 -18.42 -22.86
N ASN C 162 34.01 -17.62 -23.24
CA ASN C 162 34.20 -17.13 -24.61
C ASN C 162 34.99 -18.13 -25.46
N GLY C 163 35.10 -19.36 -24.97
CA GLY C 163 35.83 -20.41 -25.65
C GLY C 163 37.34 -20.25 -25.59
N ASP C 164 37.84 -19.15 -25.00
CA ASP C 164 39.28 -18.93 -24.88
C ASP C 164 39.88 -19.94 -23.88
N GLU C 165 41.20 -20.07 -23.91
CA GLU C 165 41.91 -20.97 -22.99
C GLU C 165 43.15 -20.28 -22.44
N GLN C 166 43.67 -20.81 -21.34
CA GLN C 166 44.90 -20.27 -20.78
C GLN C 166 45.49 -21.21 -19.76
N ASP C 167 46.74 -20.96 -19.41
CA ASP C 167 47.46 -21.82 -18.49
C ASP C 167 47.17 -21.38 -17.07
N ALA C 168 47.09 -22.38 -16.20
CA ALA C 168 46.85 -22.21 -14.77
C ALA C 168 48.12 -22.54 -14.02
N ILE C 169 48.23 -22.03 -12.81
CA ILE C 169 49.17 -22.55 -11.81
C ILE C 169 48.37 -23.12 -10.64
N LEU C 170 48.90 -24.13 -9.98
CA LEU C 170 48.34 -24.68 -8.77
C LEU C 170 49.10 -24.18 -7.53
N LEU C 171 48.35 -23.74 -6.53
CA LEU C 171 48.91 -23.31 -5.25
C LEU C 171 48.28 -24.13 -4.18
N LYS C 172 49.05 -24.45 -3.15
CA LYS C 172 48.56 -25.30 -2.09
C LYS C 172 49.00 -24.76 -0.73
N LYS C 173 48.24 -25.12 0.31
CA LYS C 173 48.57 -24.75 1.68
C LYS C 173 48.19 -25.84 2.65
N HIS C 174 49.13 -26.20 3.50
CA HIS C 174 48.93 -27.30 4.42
C HIS C 174 48.24 -26.82 5.69
N ILE C 175 47.26 -27.61 6.14
CA ILE C 175 46.50 -27.32 7.34
C ILE C 175 46.76 -28.44 8.37
N SER C 176 47.13 -28.07 9.61
CA SER C 176 47.34 -29.04 10.70
C SER C 176 46.06 -29.77 11.11
N SER D 1 6.38 -11.40 10.66
CA SER D 1 5.32 -11.77 9.71
C SER D 1 4.63 -13.08 10.05
N TYR D 2 3.35 -12.96 10.39
CA TYR D 2 2.49 -14.09 10.72
C TYR D 2 1.94 -14.70 9.45
N SER D 3 2.01 -16.03 9.33
CA SER D 3 1.46 -16.72 8.17
C SER D 3 0.11 -17.31 8.50
N MET D 4 -0.92 -16.86 7.81
CA MET D 4 -2.26 -17.24 8.18
C MET D 4 -2.62 -18.62 7.65
N GLU D 5 -1.82 -19.11 6.69
CA GLU D 5 -1.93 -20.50 6.23
C GLU D 5 -1.61 -21.47 7.36
N HIS D 6 -0.32 -21.58 7.74
CA HIS D 6 0.11 -22.27 8.98
C HIS D 6 1.63 -22.28 9.06
#